data_6H13
#
_entry.id   6H13
#
_cell.length_a   91.740
_cell.length_b   105.460
_cell.length_c   150.460
_cell.angle_alpha   90.00
_cell.angle_beta   90.00
_cell.angle_gamma   90.00
#
_symmetry.space_group_name_H-M   'P 21 21 21'
#
loop_
_entity.id
_entity.type
_entity.pdbx_description
1 polymer Acetylcholinesterase
2 non-polymer 2-acetamido-2-deoxy-beta-D-glucopyranose
3 non-polymer [1-[2-(1,2,3,4,4~{a},9~{a}-hexahydroacridin-9-ylamino)ethyl]-1,2,3-triazol-4-yl]methyl-[[2-[[(10~{b}~{S})-6-oxidanylidene-2,3,4,10~{b}-tetrahydro-1~{H}-pyrido[2,1-a]isoindol-10-yl]carbamoylamino]pyridin-4-yl]methyl]-methyl-azanium
4 non-polymer 'CHLORIDE ION'
5 non-polymer DI(HYDROXYETHYL)ETHER
6 non-polymer GLYCEROL
7 non-polymer '2-(N-MORPHOLINO)-ETHANESULFONIC ACID'
8 water water
#
_entity_poly.entity_id   1
_entity_poly.type   'polypeptide(L)'
_entity_poly.pdbx_seq_one_letter_code
;DDHSELLVNTKSGKVMGTRVPVLSSHISAFLGIPFAEPPVGNMRFRRPEPKKPWSGVWNASTYPNNCQQYVDEQFPGFSG
SEMWNPNREMSEDCLYLNIWVPSPRPKSTTVMVWIYGGGFYSGSSTLDVYNGKYLAYTEEVVLVSLSYRVGAFGFLALHG
SQEAPGNVGLLDQRMALQWVHDNIQFFGGDPKTVTIFGESAGGASVGMHILSPGSRDLFRRAILQSGSPNCPWASVSVAE
GRRRAVELGRNLNCNLNSDEELIHCLREKKPQELIDVEWNVLPFDSIFRFSFVPVIDGEFFPTSLESMLNSGNFKKTQIL
LGVNKDEGSFFLLYGAPGFSKDSESKISREDFMSGVKLSVPHANDLGLDAVTLQYTDWMDDNNGIKNRDGLDDIVGDHNV
ICPLMHFVNKYTKFGNGTYLYFFNHRASNLVWPEWMGVIHGYEIEFVFGLPLVKELNYTAEEEALSRRIMHYWATFAKTG
NPNEPHSQESKWPLFTTKEQKFIDLNTEPMKVHQRLRVQMCVFWNQFLPKLLNATACDGELSSSGTSSSKGIIFYVLFSI
LYLIF
;
_entity_poly.pdbx_strand_id   A,B
#
# COMPACT_ATOMS: atom_id res chain seq x y z
N SER A 4 18.83 11.45 -15.17
CA SER A 4 19.39 10.55 -16.17
C SER A 4 18.29 9.69 -16.77
N GLU A 5 17.58 8.98 -15.88
CA GLU A 5 16.34 8.31 -16.28
C GLU A 5 15.26 9.34 -16.63
N LEU A 6 15.29 10.50 -15.98
CA LEU A 6 14.31 11.55 -16.18
C LEU A 6 14.77 12.64 -17.14
N LEU A 7 15.84 12.39 -17.88
CA LEU A 7 16.37 13.35 -18.85
C LEU A 7 16.37 12.67 -20.21
N VAL A 8 15.49 13.14 -21.11
CA VAL A 8 15.21 12.46 -22.37
C VAL A 8 15.35 13.45 -23.51
N ASN A 9 15.97 13.00 -24.61
CA ASN A 9 16.30 13.84 -25.76
CA ASN A 9 16.28 13.85 -25.75
C ASN A 9 15.34 13.50 -26.89
N THR A 10 14.28 14.31 -27.05
CA THR A 10 13.26 14.08 -28.06
C THR A 10 13.62 14.77 -29.38
N LYS A 11 12.74 14.64 -30.37
CA LYS A 11 12.89 15.33 -31.65
C LYS A 11 12.37 16.75 -31.60
N SER A 12 11.90 17.21 -30.44
CA SER A 12 11.46 18.58 -30.27
C SER A 12 12.27 19.32 -29.22
N GLY A 13 13.20 18.64 -28.53
CA GLY A 13 13.97 19.23 -27.46
C GLY A 13 14.22 18.23 -26.34
N LYS A 14 14.91 18.65 -25.28
CA LYS A 14 15.12 17.79 -24.13
C LYS A 14 13.99 18.01 -23.13
N VAL A 15 13.61 16.94 -22.43
CA VAL A 15 12.55 16.95 -21.43
CA VAL A 15 12.57 17.00 -21.40
C VAL A 15 13.13 16.47 -20.10
N MET A 16 12.81 17.17 -19.02
CA MET A 16 13.23 16.80 -17.67
C MET A 16 12.01 16.36 -16.88
N GLY A 17 11.94 15.06 -16.57
CA GLY A 17 10.83 14.50 -15.82
C GLY A 17 11.07 14.53 -14.32
N THR A 18 10.34 13.66 -13.62
CA THR A 18 10.44 13.59 -12.17
C THR A 18 10.08 12.18 -11.72
N ARG A 19 10.56 11.82 -10.53
CA ARG A 19 10.39 10.47 -9.98
CA ARG A 19 10.39 10.48 -9.97
C ARG A 19 9.25 10.51 -8.97
N VAL A 20 8.10 9.96 -9.34
CA VAL A 20 6.91 10.00 -8.50
C VAL A 20 6.75 8.67 -7.75
N PRO A 21 6.10 8.68 -6.58
CA PRO A 21 5.83 7.43 -5.88
C PRO A 21 4.57 6.75 -6.37
N VAL A 22 4.61 5.42 -6.41
CA VAL A 22 3.43 4.61 -6.74
C VAL A 22 3.41 3.43 -5.80
N LEU A 23 2.30 3.25 -5.07
CA LEU A 23 2.09 2.15 -4.14
C LEU A 23 3.16 2.14 -3.06
N SER A 24 4.23 1.37 -3.26
CA SER A 24 5.40 1.37 -2.39
C SER A 24 6.66 1.26 -3.22
N SER A 25 6.68 1.96 -4.35
CA SER A 25 7.76 1.91 -5.32
C SER A 25 7.88 3.31 -5.91
N HIS A 26 8.48 3.43 -7.09
CA HIS A 26 8.58 4.69 -7.81
C HIS A 26 8.60 4.42 -9.30
N ILE A 27 8.11 5.38 -10.08
CA ILE A 27 8.28 5.40 -11.53
C ILE A 27 8.56 6.82 -11.99
N SER A 28 8.76 6.97 -13.29
CA SER A 28 9.09 8.24 -13.91
C SER A 28 7.84 8.87 -14.49
N ALA A 29 7.68 10.18 -14.29
CA ALA A 29 6.59 10.94 -14.88
C ALA A 29 7.15 12.10 -15.70
N PHE A 30 6.59 12.30 -16.88
CA PHE A 30 6.95 13.40 -17.77
C PHE A 30 5.65 14.17 -18.05
N LEU A 31 5.42 15.22 -17.28
CA LEU A 31 4.15 15.93 -17.23
C LEU A 31 4.19 17.21 -18.05
N GLY A 32 3.15 17.44 -18.84
CA GLY A 32 3.02 18.73 -19.50
C GLY A 32 3.96 18.96 -20.65
N ILE A 33 4.36 17.91 -21.36
CA ILE A 33 5.17 18.08 -22.58
C ILE A 33 4.29 18.66 -23.68
N PRO A 34 4.71 19.75 -24.32
CA PRO A 34 3.91 20.31 -25.41
C PRO A 34 4.12 19.59 -26.73
N PHE A 35 3.01 19.35 -27.44
CA PHE A 35 3.07 18.77 -28.78
C PHE A 35 2.55 19.72 -29.84
N ALA A 36 2.20 20.96 -29.49
CA ALA A 36 1.63 21.90 -30.44
C ALA A 36 2.04 23.33 -30.13
N GLU A 37 2.00 24.17 -31.15
CA GLU A 37 2.05 25.61 -30.94
C GLU A 37 0.77 26.04 -30.21
N PRO A 38 0.87 26.91 -29.21
CA PRO A 38 -0.34 27.31 -28.46
C PRO A 38 -1.37 27.94 -29.38
N PRO A 39 -2.57 27.37 -29.45
CA PRO A 39 -3.60 27.87 -30.38
C PRO A 39 -4.26 29.15 -29.91
N VAL A 40 -3.45 30.17 -29.66
CA VAL A 40 -3.91 31.44 -29.13
C VAL A 40 -3.99 32.47 -30.23
N GLY A 41 -4.58 33.62 -29.93
CA GLY A 41 -4.58 34.70 -30.90
C GLY A 41 -5.46 34.37 -32.07
N ASN A 42 -4.98 34.66 -33.27
CA ASN A 42 -5.73 34.28 -34.46
C ASN A 42 -5.47 32.83 -34.85
N MET A 43 -4.71 32.09 -34.04
CA MET A 43 -4.66 30.63 -34.16
C MET A 43 -5.85 29.97 -33.45
N ARG A 44 -6.82 30.75 -33.00
CA ARG A 44 -8.06 30.20 -32.47
C ARG A 44 -8.91 29.63 -33.61
N PHE A 45 -9.51 28.46 -33.36
CA PHE A 45 -10.36 27.70 -34.27
C PHE A 45 -9.59 27.06 -35.43
N ARG A 46 -8.28 27.21 -35.47
CA ARG A 46 -7.48 26.82 -36.63
CA ARG A 46 -7.49 26.80 -36.63
C ARG A 46 -6.80 25.46 -36.39
N ARG A 47 -6.46 24.81 -37.50
CA ARG A 47 -5.78 23.53 -37.43
C ARG A 47 -4.54 23.65 -36.55
N PRO A 48 -4.21 22.62 -35.76
CA PRO A 48 -3.01 22.70 -34.94
C PRO A 48 -1.76 22.68 -35.81
N GLU A 49 -0.72 23.38 -35.33
CA GLU A 49 0.60 23.41 -35.95
C GLU A 49 1.62 22.74 -35.04
N PRO A 50 2.61 22.05 -35.60
CA PRO A 50 3.55 21.30 -34.76
C PRO A 50 4.34 22.24 -33.87
N LYS A 51 4.57 21.81 -32.64
CA LYS A 51 5.40 22.56 -31.70
C LYS A 51 6.77 22.83 -32.31
N LYS A 52 7.11 24.12 -32.44
CA LYS A 52 8.45 24.50 -32.88
C LYS A 52 9.46 24.00 -31.86
N PRO A 53 10.52 23.32 -32.28
CA PRO A 53 11.46 22.74 -31.31
C PRO A 53 12.17 23.80 -30.48
N TRP A 54 12.61 23.39 -29.29
CA TRP A 54 13.09 24.30 -28.26
C TRP A 54 14.49 23.89 -27.78
N SER A 55 15.36 24.89 -27.61
CA SER A 55 16.60 24.66 -26.91
C SER A 55 16.37 24.76 -25.42
N GLY A 56 17.38 24.37 -24.65
CA GLY A 56 17.23 24.29 -23.22
C GLY A 56 16.54 22.99 -22.83
N VAL A 57 16.09 22.95 -21.58
CA VAL A 57 15.45 21.78 -21.00
C VAL A 57 14.04 22.19 -20.57
N TRP A 58 13.03 21.65 -21.25
CA TRP A 58 11.64 21.89 -20.85
C TRP A 58 11.38 21.26 -19.49
N ASN A 59 10.89 22.05 -18.50
CA ASN A 59 10.51 21.53 -17.17
C ASN A 59 9.23 20.70 -17.35
N ALA A 60 9.34 19.37 -17.29
CA ALA A 60 8.18 18.50 -17.50
C ALA A 60 7.84 17.72 -16.25
N SER A 61 7.74 18.43 -15.12
CA SER A 61 7.57 17.80 -13.82
C SER A 61 6.27 18.22 -13.14
N THR A 62 5.42 18.96 -13.84
CA THR A 62 4.18 19.46 -13.27
C THR A 62 3.08 19.35 -14.31
N TYR A 63 1.87 19.07 -13.85
CA TYR A 63 0.74 19.00 -14.77
C TYR A 63 0.54 20.34 -15.46
N PRO A 64 0.05 20.32 -16.71
CA PRO A 64 -0.14 21.58 -17.44
C PRO A 64 -1.50 22.22 -17.17
N ASN A 65 -1.81 23.29 -17.90
CA ASN A 65 -3.14 23.86 -17.84
C ASN A 65 -4.19 22.91 -18.44
N ASN A 66 -5.44 23.20 -18.15
CA ASN A 66 -6.56 22.52 -18.80
C ASN A 66 -7.16 23.45 -19.83
N CYS A 67 -7.79 22.88 -20.86
CA CYS A 67 -8.34 23.73 -21.90
C CYS A 67 -9.56 24.49 -21.39
N GLN A 68 -9.88 25.58 -22.09
CA GLN A 68 -11.05 26.39 -21.75
C GLN A 68 -12.33 25.56 -21.87
N GLN A 69 -13.08 25.46 -20.77
CA GLN A 69 -14.28 24.65 -20.78
C GLN A 69 -15.30 25.18 -19.80
N TYR A 70 -16.56 24.89 -20.08
CA TYR A 70 -17.65 25.14 -19.14
C TYR A 70 -17.46 24.29 -17.88
N VAL A 71 -17.43 24.94 -16.73
CA VAL A 71 -17.21 24.29 -15.44
C VAL A 71 -18.57 24.01 -14.82
N ASP A 72 -18.72 22.82 -14.25
CA ASP A 72 -20.01 22.41 -13.72
C ASP A 72 -20.10 22.83 -12.26
N GLU A 73 -21.12 23.62 -11.93
CA GLU A 73 -21.33 24.04 -10.55
CA GLU A 73 -21.35 24.07 -10.56
C GLU A 73 -22.68 23.59 -10.00
N GLN A 74 -23.19 22.46 -10.52
CA GLN A 74 -24.48 21.97 -10.06
C GLN A 74 -24.46 21.65 -8.57
N PHE A 75 -23.44 20.92 -8.13
CA PHE A 75 -23.29 20.54 -6.73
C PHE A 75 -21.91 20.99 -6.28
N PRO A 76 -21.76 22.26 -5.93
CA PRO A 76 -20.45 22.75 -5.50
C PRO A 76 -19.98 22.04 -4.23
N GLY A 77 -18.68 21.72 -4.22
CA GLY A 77 -18.06 21.03 -3.11
C GLY A 77 -18.23 19.52 -3.11
N PHE A 78 -19.16 19.00 -3.91
CA PHE A 78 -19.48 17.58 -3.92
C PHE A 78 -18.47 16.82 -4.78
N SER A 79 -17.82 15.80 -4.19
CA SER A 79 -16.73 15.12 -4.88
C SER A 79 -17.22 14.33 -6.08
N GLY A 80 -18.45 13.81 -6.04
CA GLY A 80 -18.97 13.06 -7.15
C GLY A 80 -18.98 13.84 -8.45
N SER A 81 -19.17 15.15 -8.38
CA SER A 81 -19.20 15.97 -9.57
C SER A 81 -17.94 16.81 -9.76
N GLU A 82 -17.34 17.31 -8.68
CA GLU A 82 -16.12 18.08 -8.81
C GLU A 82 -14.94 17.23 -9.28
N MET A 83 -15.00 15.91 -9.09
CA MET A 83 -13.92 15.05 -9.57
C MET A 83 -13.75 15.12 -11.08
N TRP A 84 -14.72 15.67 -11.79
CA TRP A 84 -14.66 15.79 -13.24
C TRP A 84 -14.24 17.18 -13.72
N ASN A 85 -14.32 18.19 -12.86
CA ASN A 85 -13.98 19.57 -13.24
C ASN A 85 -12.47 19.73 -13.36
N PRO A 86 -12.02 20.81 -14.04
CA PRO A 86 -10.58 21.11 -14.10
C PRO A 86 -9.97 21.33 -12.72
N ASN A 87 -8.87 20.61 -12.44
CA ASN A 87 -8.10 20.79 -11.21
C ASN A 87 -6.84 21.63 -11.44
N ARG A 88 -6.77 22.29 -12.58
CA ARG A 88 -5.68 23.18 -12.93
CA ARG A 88 -5.68 23.16 -12.97
C ARG A 88 -6.29 24.43 -13.52
N GLU A 89 -5.46 25.43 -13.80
CA GLU A 89 -6.03 26.62 -14.40
C GLU A 89 -6.42 26.33 -15.84
N MET A 90 -7.39 27.09 -16.34
CA MET A 90 -7.82 26.98 -17.72
C MET A 90 -7.09 28.01 -18.57
N SER A 91 -6.79 27.63 -19.81
CA SER A 91 -6.09 28.50 -20.75
C SER A 91 -6.25 27.91 -22.14
N GLU A 92 -6.38 28.80 -23.14
CA GLU A 92 -6.32 28.34 -24.51
C GLU A 92 -4.96 27.69 -24.84
N ASP A 93 -3.93 27.91 -24.03
CA ASP A 93 -2.63 27.27 -24.21
C ASP A 93 -2.62 26.03 -23.34
N CYS A 94 -3.04 24.91 -23.92
CA CYS A 94 -3.35 23.70 -23.16
C CYS A 94 -3.02 22.40 -23.88
N LEU A 95 -2.42 22.46 -25.08
CA LEU A 95 -2.14 21.27 -25.90
C LEU A 95 -0.84 20.64 -25.41
N TYR A 96 -0.96 19.81 -24.38
CA TYR A 96 0.17 19.13 -23.77
C TYR A 96 -0.19 17.66 -23.56
N LEU A 97 0.82 16.81 -23.41
CA LEU A 97 0.64 15.40 -23.11
C LEU A 97 1.47 14.98 -21.90
N ASN A 98 1.03 13.89 -21.26
CA ASN A 98 1.67 13.35 -20.06
C ASN A 98 2.14 11.92 -20.32
N ILE A 99 3.29 11.55 -19.76
CA ILE A 99 3.88 10.24 -19.99
C ILE A 99 4.30 9.65 -18.65
N TRP A 100 3.85 8.42 -18.38
CA TRP A 100 4.31 7.64 -17.25
C TRP A 100 5.14 6.47 -17.75
N VAL A 101 6.37 6.35 -17.24
CA VAL A 101 7.30 5.31 -17.67
C VAL A 101 7.64 4.45 -16.46
N PRO A 102 7.56 3.11 -16.57
CA PRO A 102 8.07 2.24 -15.51
C PRO A 102 9.54 2.52 -15.27
N SER A 103 10.03 2.05 -14.13
CA SER A 103 11.40 2.30 -13.73
C SER A 103 12.04 1.05 -13.12
N PRO A 104 13.16 0.57 -13.71
CA PRO A 104 13.94 1.06 -14.85
C PRO A 104 13.19 1.13 -16.17
N ARG A 105 13.62 2.07 -17.01
CA ARG A 105 12.94 2.33 -18.27
C ARG A 105 12.96 1.08 -19.14
N PRO A 106 11.83 0.61 -19.64
CA PRO A 106 11.82 -0.61 -20.44
C PRO A 106 12.53 -0.47 -21.79
N LYS A 107 12.57 -1.57 -22.53
CA LYS A 107 13.06 -1.60 -23.90
C LYS A 107 11.85 -1.86 -24.79
N SER A 108 11.49 -0.90 -25.64
CA SER A 108 10.33 -1.04 -26.54
C SER A 108 9.16 -1.79 -25.89
N THR A 109 8.46 -1.17 -24.94
CA THR A 109 7.29 -1.77 -24.31
C THR A 109 6.01 -1.16 -24.89
N THR A 110 4.88 -1.80 -24.58
CA THR A 110 3.58 -1.44 -25.15
C THR A 110 3.09 -0.06 -24.66
N VAL A 111 2.55 0.72 -25.59
CA VAL A 111 2.12 2.10 -25.34
C VAL A 111 0.59 2.15 -25.33
N MET A 112 0.04 2.84 -24.31
CA MET A 112 -1.40 3.07 -24.20
C MET A 112 -1.66 4.58 -24.13
N VAL A 113 -2.34 5.12 -25.12
CA VAL A 113 -2.62 6.56 -25.18
C VAL A 113 -4.08 6.81 -24.79
N TRP A 114 -4.28 7.62 -23.75
CA TRP A 114 -5.61 7.87 -23.17
C TRP A 114 -6.21 9.17 -23.68
N ILE A 115 -7.47 9.11 -24.12
CA ILE A 115 -8.21 10.27 -24.62
C ILE A 115 -9.42 10.48 -23.72
N TYR A 116 -9.47 11.60 -22.98
CA TYR A 116 -10.60 11.87 -22.10
C TYR A 116 -11.87 12.19 -22.87
N GLY A 117 -13.00 11.88 -22.23
CA GLY A 117 -14.30 12.30 -22.70
C GLY A 117 -14.80 13.54 -21.97
N GLY A 118 -16.12 13.72 -22.01
CA GLY A 118 -16.72 14.94 -21.49
C GLY A 118 -17.56 15.62 -22.56
N GLY A 119 -18.14 14.82 -23.47
CA GLY A 119 -19.12 15.31 -24.42
C GLY A 119 -18.61 16.29 -25.46
N PHE A 120 -17.29 16.33 -25.68
CA PHE A 120 -16.56 17.26 -26.55
C PHE A 120 -16.60 18.72 -26.07
N TYR A 121 -17.19 19.03 -24.92
CA TYR A 121 -17.21 20.39 -24.41
C TYR A 121 -16.40 20.56 -23.15
N SER A 122 -16.03 19.46 -22.48
CA SER A 122 -15.24 19.52 -21.26
C SER A 122 -14.18 18.43 -21.28
N GLY A 123 -13.46 18.31 -20.17
CA GLY A 123 -12.46 17.27 -20.03
C GLY A 123 -11.06 17.79 -19.77
N SER A 124 -10.28 17.01 -19.02
CA SER A 124 -8.91 17.40 -18.66
C SER A 124 -8.05 16.15 -18.58
N SER A 125 -6.77 16.29 -18.93
CA SER A 125 -5.85 15.16 -18.85
C SER A 125 -5.33 14.94 -17.45
N THR A 126 -5.58 15.88 -16.54
CA THR A 126 -4.89 15.95 -15.26
C THR A 126 -5.77 15.52 -14.09
N LEU A 127 -6.92 14.89 -14.39
CA LEU A 127 -7.86 14.50 -13.36
C LEU A 127 -7.28 13.41 -12.48
N ASP A 128 -7.70 13.42 -11.21
CA ASP A 128 -7.20 12.44 -10.24
C ASP A 128 -7.43 11.02 -10.71
N VAL A 129 -8.55 10.77 -11.41
CA VAL A 129 -8.91 9.41 -11.80
C VAL A 129 -8.27 9.01 -13.12
N TYR A 130 -7.55 9.91 -13.80
CA TYR A 130 -6.75 9.57 -14.97
C TYR A 130 -5.26 9.50 -14.64
N ASN A 131 -4.90 9.42 -13.36
CA ASN A 131 -3.49 9.30 -13.01
C ASN A 131 -2.93 7.99 -13.56
N GLY A 132 -1.96 8.09 -14.46
CA GLY A 132 -1.47 6.92 -15.13
C GLY A 132 -0.39 6.13 -14.42
N LYS A 133 0.00 6.54 -13.21
CA LYS A 133 1.14 5.89 -12.57
C LYS A 133 0.81 4.44 -12.19
N TYR A 134 -0.42 4.19 -11.76
CA TYR A 134 -0.79 2.86 -11.29
C TYR A 134 -0.82 1.85 -12.44
N LEU A 135 -1.48 2.20 -13.54
CA LEU A 135 -1.57 1.28 -14.68
C LEU A 135 -0.20 1.03 -15.30
N ALA A 136 0.59 2.08 -15.49
CA ALA A 136 1.91 1.94 -16.08
C ALA A 136 2.81 1.08 -15.21
N TYR A 137 2.72 1.25 -13.88
CA TYR A 137 3.56 0.49 -12.97
C TYR A 137 3.14 -0.98 -12.89
N THR A 138 1.83 -1.23 -12.74
CA THR A 138 1.35 -2.59 -12.50
C THR A 138 1.54 -3.48 -13.73
N GLU A 139 1.17 -2.99 -14.92
CA GLU A 139 1.22 -3.79 -16.13
C GLU A 139 2.48 -3.57 -16.95
N GLU A 140 3.39 -2.75 -16.43
CA GLU A 140 4.61 -2.29 -17.10
C GLU A 140 4.35 -1.95 -18.56
N VAL A 141 3.50 -0.94 -18.75
CA VAL A 141 3.30 -0.29 -20.05
C VAL A 141 3.69 1.19 -19.89
N VAL A 142 3.94 1.84 -21.02
CA VAL A 142 4.19 3.27 -21.06
C VAL A 142 2.85 3.97 -21.33
N LEU A 143 2.38 4.75 -20.37
CA LEU A 143 1.03 5.32 -20.40
C LEU A 143 1.09 6.79 -20.79
N VAL A 144 0.48 7.12 -21.92
CA VAL A 144 0.32 8.50 -22.37
C VAL A 144 -1.13 8.92 -22.18
N SER A 145 -1.34 10.17 -21.75
CA SER A 145 -2.63 10.84 -21.81
C SER A 145 -2.46 12.17 -22.51
N LEU A 146 -3.28 12.43 -23.54
CA LEU A 146 -3.17 13.65 -24.33
C LEU A 146 -4.24 14.67 -23.90
N SER A 147 -4.38 15.73 -24.70
CA SER A 147 -5.46 16.68 -24.53
C SER A 147 -5.89 17.20 -25.90
N TYR A 148 -6.94 18.02 -25.92
CA TYR A 148 -7.44 18.62 -27.15
C TYR A 148 -8.41 19.74 -26.80
N ARG A 149 -8.51 20.72 -27.71
CA ARG A 149 -9.45 21.81 -27.50
C ARG A 149 -10.88 21.26 -27.52
N VAL A 150 -11.69 21.73 -26.57
CA VAL A 150 -13.08 21.33 -26.47
C VAL A 150 -13.96 22.55 -26.77
N GLY A 151 -15.26 22.31 -26.88
CA GLY A 151 -16.26 23.31 -27.17
C GLY A 151 -15.99 24.04 -28.48
N ALA A 152 -16.45 25.29 -28.54
CA ALA A 152 -16.26 26.07 -29.76
C ALA A 152 -14.80 26.19 -30.15
N PHE A 153 -13.90 26.22 -29.16
CA PHE A 153 -12.48 26.35 -29.45
C PHE A 153 -11.95 25.16 -30.24
N GLY A 154 -12.54 23.99 -30.05
CA GLY A 154 -12.07 22.80 -30.72
C GLY A 154 -12.94 22.32 -31.85
N PHE A 155 -14.20 22.79 -31.92
CA PHE A 155 -15.12 22.21 -32.88
C PHE A 155 -16.05 23.21 -33.57
N LEU A 156 -15.82 24.51 -33.45
CA LEU A 156 -16.55 25.47 -34.28
C LEU A 156 -16.31 25.15 -35.75
N ALA A 157 -17.39 24.90 -36.49
CA ALA A 157 -17.27 24.39 -37.85
C ALA A 157 -17.94 25.34 -38.83
N LEU A 158 -17.12 25.97 -39.68
CA LEU A 158 -17.57 26.75 -40.83
C LEU A 158 -16.92 26.15 -42.06
N HIS A 159 -17.50 25.06 -42.56
CA HIS A 159 -16.86 24.25 -43.60
C HIS A 159 -16.66 25.07 -44.87
N GLY A 160 -15.49 24.90 -45.48
CA GLY A 160 -15.10 25.73 -46.60
C GLY A 160 -14.06 26.74 -46.22
N SER A 161 -14.30 27.47 -45.13
CA SER A 161 -13.27 28.33 -44.56
C SER A 161 -12.12 27.48 -44.05
N GLN A 162 -10.90 27.95 -44.25
CA GLN A 162 -9.76 27.32 -43.63
C GLN A 162 -9.36 28.04 -42.36
N GLU A 163 -10.08 29.12 -42.02
CA GLU A 163 -9.88 29.80 -40.75
C GLU A 163 -10.54 29.05 -39.60
N ALA A 164 -11.70 28.45 -39.85
CA ALA A 164 -12.42 27.66 -38.86
C ALA A 164 -13.06 26.47 -39.56
N PRO A 165 -12.24 25.51 -40.02
CA PRO A 165 -12.78 24.44 -40.86
C PRO A 165 -13.63 23.43 -40.11
N GLY A 166 -13.26 23.14 -38.87
CA GLY A 166 -13.95 22.13 -38.09
C GLY A 166 -13.02 20.98 -37.73
N ASN A 167 -13.38 20.21 -36.71
CA ASN A 167 -12.65 19.01 -36.30
C ASN A 167 -11.24 19.31 -35.85
N VAL A 168 -10.92 20.57 -35.53
CA VAL A 168 -9.55 20.89 -35.17
C VAL A 168 -9.18 20.24 -33.84
N GLY A 169 -10.17 20.00 -32.99
CA GLY A 169 -9.90 19.28 -31.76
C GLY A 169 -9.55 17.82 -32.00
N LEU A 170 -10.13 17.21 -33.04
CA LEU A 170 -9.69 15.87 -33.44
C LEU A 170 -8.29 15.92 -34.03
N LEU A 171 -8.01 16.95 -34.83
CA LEU A 171 -6.66 17.14 -35.35
C LEU A 171 -5.63 17.34 -34.25
N ASP A 172 -6.02 18.00 -33.15
CA ASP A 172 -5.16 18.06 -31.96
C ASP A 172 -4.75 16.66 -31.51
N GLN A 173 -5.75 15.80 -31.26
CA GLN A 173 -5.49 14.42 -30.86
C GLN A 173 -4.61 13.69 -31.87
N ARG A 174 -4.79 13.96 -33.17
CA ARG A 174 -3.94 13.33 -34.19
C ARG A 174 -2.49 13.79 -34.07
N MET A 175 -2.27 15.07 -33.72
CA MET A 175 -0.91 15.57 -33.57
C MET A 175 -0.26 15.06 -32.28
N ALA A 176 -1.06 14.75 -31.26
CA ALA A 176 -0.46 14.09 -30.10
C ALA A 176 -0.15 12.64 -30.41
N LEU A 177 -0.92 12.01 -31.30
CA LEU A 177 -0.56 10.66 -31.73
C LEU A 177 0.66 10.69 -32.63
N GLN A 178 0.73 11.68 -33.52
CA GLN A 178 1.90 11.83 -34.38
C GLN A 178 3.16 12.08 -33.55
N TRP A 179 3.05 12.86 -32.47
CA TRP A 179 4.21 13.07 -31.61
C TRP A 179 4.65 11.77 -30.94
N VAL A 180 3.69 10.98 -30.44
CA VAL A 180 4.01 9.69 -29.83
C VAL A 180 4.64 8.75 -30.85
N HIS A 181 4.19 8.83 -32.11
CA HIS A 181 4.79 7.99 -33.14
C HIS A 181 6.25 8.33 -33.36
N ASP A 182 6.60 9.61 -33.25
CA ASP A 182 7.92 10.10 -33.53
C ASP A 182 8.85 10.07 -32.33
N ASN A 183 8.31 9.92 -31.12
CA ASN A 183 9.13 10.16 -29.93
C ASN A 183 8.99 9.13 -28.82
N ILE A 184 7.95 8.28 -28.79
CA ILE A 184 7.77 7.42 -27.63
C ILE A 184 8.90 6.40 -27.52
N GLN A 185 9.62 6.12 -28.62
CA GLN A 185 10.73 5.17 -28.55
C GLN A 185 11.82 5.65 -27.60
N PHE A 186 12.01 6.97 -27.49
CA PHE A 186 12.99 7.58 -26.59
C PHE A 186 12.60 7.46 -25.12
N PHE A 187 11.43 6.90 -24.82
CA PHE A 187 10.96 6.69 -23.45
C PHE A 187 10.81 5.20 -23.12
N GLY A 188 11.20 4.31 -24.02
CA GLY A 188 11.00 2.90 -23.82
C GLY A 188 9.79 2.33 -24.53
N GLY A 189 9.03 3.16 -25.25
CA GLY A 189 7.81 2.72 -25.88
C GLY A 189 8.02 2.27 -27.31
N ASP A 190 7.22 1.31 -27.73
CA ASP A 190 7.27 0.76 -29.08
C ASP A 190 6.24 1.47 -29.94
N PRO A 191 6.64 2.32 -30.89
CA PRO A 191 5.65 3.06 -31.69
C PRO A 191 4.76 2.19 -32.56
N LYS A 192 5.11 0.91 -32.78
CA LYS A 192 4.28 0.02 -33.57
C LYS A 192 3.30 -0.78 -32.73
N THR A 193 3.34 -0.64 -31.43
CA THR A 193 2.40 -1.31 -30.54
C THR A 193 1.83 -0.23 -29.60
N VAL A 194 1.00 0.64 -30.18
CA VAL A 194 0.31 1.72 -29.46
C VAL A 194 -1.18 1.43 -29.49
N THR A 195 -1.82 1.51 -28.31
CA THR A 195 -3.26 1.32 -28.18
C THR A 195 -3.88 2.63 -27.71
N ILE A 196 -4.74 3.22 -28.54
CA ILE A 196 -5.52 4.38 -28.12
C ILE A 196 -6.75 3.89 -27.37
N PHE A 197 -7.19 4.67 -26.39
CA PHE A 197 -8.38 4.30 -25.65
C PHE A 197 -8.94 5.52 -24.95
N GLY A 198 -10.27 5.61 -24.92
CA GLY A 198 -10.95 6.68 -24.22
C GLY A 198 -12.38 6.32 -23.90
N GLU A 199 -12.99 7.15 -23.05
CA GLU A 199 -14.34 6.93 -22.58
C GLU A 199 -15.27 8.05 -23.05
N SER A 200 -16.52 7.67 -23.35
CA SER A 200 -17.57 8.59 -23.75
C SER A 200 -17.11 9.33 -25.01
N ALA A 201 -17.05 10.66 -25.01
CA ALA A 201 -16.55 11.41 -26.16
C ALA A 201 -15.14 10.98 -26.55
N GLY A 202 -14.39 10.40 -25.61
CA GLY A 202 -13.09 9.86 -25.94
C GLY A 202 -13.16 8.51 -26.61
N GLY A 203 -14.17 7.71 -26.23
CA GLY A 203 -14.44 6.48 -26.97
C GLY A 203 -14.91 6.75 -28.38
N ALA A 204 -15.81 7.72 -28.55
CA ALA A 204 -16.21 8.13 -29.90
C ALA A 204 -15.01 8.64 -30.70
N SER A 205 -14.09 9.34 -30.02
CA SER A 205 -12.90 9.88 -30.68
C SER A 205 -12.02 8.75 -31.22
N VAL A 206 -11.77 7.74 -30.37
CA VAL A 206 -11.08 6.52 -30.79
C VAL A 206 -11.65 5.98 -32.10
N GLY A 207 -12.96 5.69 -32.11
CA GLY A 207 -13.58 5.15 -33.31
C GLY A 207 -13.42 6.05 -34.52
N MET A 208 -13.43 7.38 -34.31
CA MET A 208 -13.26 8.27 -35.44
C MET A 208 -11.85 8.20 -36.03
N HIS A 209 -10.85 7.96 -35.17
CA HIS A 209 -9.51 7.71 -35.68
C HIS A 209 -9.42 6.38 -36.42
N ILE A 210 -10.20 5.40 -36.00
CA ILE A 210 -10.30 4.16 -36.77
C ILE A 210 -10.79 4.45 -38.19
N LEU A 211 -11.76 5.34 -38.34
CA LEU A 211 -12.35 5.62 -39.65
C LEU A 211 -11.57 6.63 -40.45
N SER A 212 -11.03 7.65 -39.82
CA SER A 212 -10.33 8.69 -40.55
C SER A 212 -9.07 8.12 -41.20
N PRO A 213 -8.88 8.27 -42.51
CA PRO A 213 -7.67 7.71 -43.15
C PRO A 213 -6.38 8.34 -42.63
N GLY A 214 -6.35 9.65 -42.44
CA GLY A 214 -5.18 10.36 -41.93
C GLY A 214 -4.80 10.02 -40.51
N SER A 215 -5.56 9.14 -39.84
CA SER A 215 -5.27 8.73 -38.47
C SER A 215 -4.90 7.26 -38.33
N ARG A 216 -5.22 6.40 -39.32
CA ARG A 216 -5.09 4.95 -39.14
C ARG A 216 -3.65 4.54 -38.87
N ASP A 217 -2.70 5.19 -39.52
CA ASP A 217 -1.31 4.74 -39.44
C ASP A 217 -0.62 5.17 -38.15
N LEU A 218 -1.33 5.80 -37.23
CA LEU A 218 -0.75 6.41 -36.05
C LEU A 218 -1.01 5.63 -34.77
N PHE A 219 -1.49 4.40 -34.85
CA PHE A 219 -1.81 3.57 -33.69
C PHE A 219 -2.09 2.16 -34.17
N ARG A 220 -2.00 1.19 -33.25
CA ARG A 220 -2.09 -0.22 -33.58
C ARG A 220 -3.48 -0.82 -33.36
N ARG A 221 -4.02 -0.73 -32.14
CA ARG A 221 -5.37 -1.21 -31.87
C ARG A 221 -6.08 -0.21 -30.94
N ALA A 222 -7.33 -0.52 -30.59
CA ALA A 222 -8.25 0.47 -30.01
C ALA A 222 -9.12 -0.13 -28.92
N ILE A 223 -9.38 0.68 -27.88
CA ILE A 223 -10.34 0.36 -26.82
C ILE A 223 -11.35 1.50 -26.72
N LEU A 224 -12.63 1.15 -26.72
CA LEU A 224 -13.71 2.13 -26.65
C LEU A 224 -14.55 1.83 -25.42
N GLN A 225 -14.64 2.79 -24.50
CA GLN A 225 -15.40 2.65 -23.28
C GLN A 225 -16.62 3.57 -23.33
N SER A 226 -17.82 2.97 -23.38
CA SER A 226 -19.08 3.71 -23.31
C SER A 226 -19.19 4.83 -24.34
N GLY A 227 -18.63 4.61 -25.53
CA GLY A 227 -18.73 5.59 -26.58
C GLY A 227 -18.40 4.93 -27.90
N SER A 228 -18.82 5.57 -28.99
CA SER A 228 -18.52 5.07 -30.32
C SER A 228 -18.81 6.17 -31.33
N PRO A 229 -18.16 6.16 -32.49
CA PRO A 229 -18.22 7.36 -33.36
C PRO A 229 -19.60 7.66 -33.89
N ASN A 230 -20.47 6.66 -34.01
CA ASN A 230 -21.80 6.83 -34.59
C ASN A 230 -22.86 7.25 -33.56
N CYS A 231 -22.47 7.63 -32.35
CA CYS A 231 -23.45 8.06 -31.36
C CYS A 231 -24.21 9.27 -31.87
N PRO A 232 -25.48 9.44 -31.48
CA PRO A 232 -26.26 10.58 -32.02
C PRO A 232 -25.78 11.95 -31.53
N TRP A 233 -25.04 12.01 -30.43
CA TRP A 233 -24.52 13.28 -29.94
C TRP A 233 -23.09 13.57 -30.39
N ALA A 234 -22.49 12.75 -31.24
CA ALA A 234 -21.06 12.88 -31.51
C ALA A 234 -20.73 13.54 -32.85
N SER A 235 -21.72 13.78 -33.70
CA SER A 235 -21.43 14.33 -35.03
C SER A 235 -22.58 15.22 -35.47
N VAL A 236 -22.28 16.12 -36.41
CA VAL A 236 -23.26 17.00 -37.03
C VAL A 236 -22.88 17.18 -38.50
N SER A 237 -23.86 17.57 -39.31
CA SER A 237 -23.61 17.90 -40.71
C SER A 237 -22.92 19.25 -40.82
N VAL A 238 -22.36 19.54 -42.00
CA VAL A 238 -21.69 20.83 -42.14
C VAL A 238 -22.71 21.95 -42.11
N ALA A 239 -23.96 21.66 -42.51
CA ALA A 239 -25.01 22.66 -42.43
C ALA A 239 -25.34 22.98 -40.98
N GLU A 240 -25.62 21.96 -40.16
CA GLU A 240 -25.96 22.19 -38.76
C GLU A 240 -24.80 22.85 -38.01
N GLY A 241 -23.56 22.43 -38.30
CA GLY A 241 -22.41 23.04 -37.65
C GLY A 241 -22.23 24.50 -38.05
N ARG A 242 -22.54 24.83 -39.31
CA ARG A 242 -22.57 26.22 -39.73
C ARG A 242 -23.72 26.99 -39.07
N ARG A 243 -24.90 26.36 -38.97
CA ARG A 243 -26.01 27.00 -38.28
C ARG A 243 -25.61 27.33 -36.86
N ARG A 244 -24.96 26.40 -36.19
CA ARG A 244 -24.58 26.63 -34.80
C ARG A 244 -23.56 27.74 -34.69
N ALA A 245 -22.56 27.73 -35.58
CA ALA A 245 -21.49 28.73 -35.51
C ALA A 245 -22.05 30.13 -35.73
N VAL A 246 -22.92 30.29 -36.73
CA VAL A 246 -23.55 31.59 -36.98
C VAL A 246 -24.40 32.01 -35.78
N GLU A 247 -25.19 31.07 -35.25
CA GLU A 247 -26.04 31.36 -34.09
C GLU A 247 -25.20 31.86 -32.91
N LEU A 248 -23.95 31.42 -32.80
CA LEU A 248 -23.10 31.88 -31.72
C LEU A 248 -22.68 33.33 -31.93
N GLY A 249 -22.41 33.71 -33.17
CA GLY A 249 -22.09 35.09 -33.46
C GLY A 249 -23.28 36.01 -33.21
N ARG A 250 -24.48 35.55 -33.57
CA ARG A 250 -25.68 36.32 -33.27
C ARG A 250 -25.79 36.59 -31.77
N ASN A 251 -25.53 35.58 -30.95
CA ASN A 251 -25.59 35.72 -29.50
C ASN A 251 -24.58 36.72 -28.97
N LEU A 252 -23.52 37.00 -29.72
CA LEU A 252 -22.46 37.91 -29.28
C LEU A 252 -22.40 39.19 -30.11
N ASN A 253 -23.40 39.45 -30.94
CA ASN A 253 -23.52 40.69 -31.73
C ASN A 253 -22.44 40.78 -32.79
N CYS A 254 -22.10 39.65 -33.39
CA CYS A 254 -21.04 39.58 -34.37
C CYS A 254 -21.56 39.91 -35.77
N ASN A 255 -20.65 40.44 -36.60
CA ASN A 255 -20.95 40.62 -38.01
C ASN A 255 -21.17 39.24 -38.66
N LEU A 256 -22.33 39.05 -39.28
CA LEU A 256 -22.69 37.75 -39.87
C LEU A 256 -22.64 37.76 -41.39
N ASN A 257 -22.02 38.78 -42.00
CA ASN A 257 -22.06 38.90 -43.45
C ASN A 257 -21.20 37.85 -44.12
N SER A 258 -20.03 37.56 -43.55
CA SER A 258 -19.13 36.59 -44.15
C SER A 258 -18.46 35.82 -43.03
N ASP A 259 -17.86 34.69 -43.39
CA ASP A 259 -17.09 33.94 -42.42
C ASP A 259 -15.96 34.79 -41.84
N GLU A 260 -14.99 35.19 -42.69
CA GLU A 260 -13.88 36.06 -42.28
C GLU A 260 -14.31 37.11 -41.24
N GLU A 261 -15.46 37.76 -41.45
CA GLU A 261 -15.95 38.74 -40.47
C GLU A 261 -16.47 38.08 -39.21
N LEU A 262 -17.19 36.97 -39.35
CA LEU A 262 -17.66 36.23 -38.18
C LEU A 262 -16.50 35.67 -37.37
N ILE A 263 -15.49 35.05 -38.03
CA ILE A 263 -14.41 34.39 -37.29
C ILE A 263 -13.57 35.41 -36.51
N HIS A 264 -13.28 36.58 -37.09
CA HIS A 264 -12.44 37.51 -36.34
C HIS A 264 -13.24 38.21 -35.24
N CYS A 265 -14.55 38.39 -35.45
CA CYS A 265 -15.39 38.83 -34.34
C CYS A 265 -15.25 37.89 -33.16
N LEU A 266 -15.35 36.58 -33.43
CA LEU A 266 -15.26 35.60 -32.35
C LEU A 266 -13.84 35.47 -31.82
N ARG A 267 -12.82 35.73 -32.64
CA ARG A 267 -11.45 35.68 -32.14
C ARG A 267 -11.13 36.80 -31.16
N GLU A 268 -11.95 37.85 -31.10
CA GLU A 268 -11.68 38.96 -30.19
C GLU A 268 -12.23 38.71 -28.79
N LYS A 269 -13.28 37.90 -28.67
CA LYS A 269 -13.95 37.71 -27.39
C LYS A 269 -13.05 36.95 -26.41
N LYS A 270 -13.32 37.14 -25.13
CA LYS A 270 -12.60 36.38 -24.13
C LYS A 270 -13.18 34.96 -24.09
N PRO A 271 -12.35 33.97 -23.73
CA PRO A 271 -12.81 32.57 -23.83
C PRO A 271 -14.12 32.29 -23.15
N GLN A 272 -14.32 32.81 -21.95
CA GLN A 272 -15.55 32.55 -21.24
C GLN A 272 -16.74 33.32 -21.83
N GLU A 273 -16.48 34.37 -22.61
CA GLU A 273 -17.57 35.00 -23.35
C GLU A 273 -18.24 34.00 -24.27
N LEU A 274 -17.43 33.20 -24.98
CA LEU A 274 -17.98 32.14 -25.82
C LEU A 274 -18.68 31.08 -24.97
N ILE A 275 -18.01 30.64 -23.90
CA ILE A 275 -18.56 29.60 -23.03
C ILE A 275 -19.91 30.00 -22.46
N ASP A 276 -20.10 31.29 -22.15
CA ASP A 276 -21.34 31.71 -21.51
C ASP A 276 -22.56 31.52 -22.40
N VAL A 277 -22.39 31.63 -23.72
CA VAL A 277 -23.48 31.47 -24.66
C VAL A 277 -23.40 30.14 -25.41
N GLU A 278 -22.46 29.26 -25.02
CA GLU A 278 -22.26 28.00 -25.74
C GLU A 278 -23.56 27.22 -25.88
N TRP A 279 -24.34 27.12 -24.80
CA TRP A 279 -25.51 26.24 -24.85
C TRP A 279 -26.65 26.82 -25.66
N ASN A 280 -26.65 28.12 -25.95
CA ASN A 280 -27.79 28.76 -26.61
C ASN A 280 -27.91 28.39 -28.08
N VAL A 281 -26.98 27.62 -28.65
CA VAL A 281 -27.01 27.32 -30.08
C VAL A 281 -27.69 25.99 -30.38
N LEU A 282 -27.95 25.17 -29.37
CA LEU A 282 -28.57 23.88 -29.61
C LEU A 282 -29.97 24.07 -30.18
N PRO A 283 -30.36 23.28 -31.19
CA PRO A 283 -31.67 23.51 -31.84
C PRO A 283 -32.85 23.04 -31.01
N PHE A 284 -32.66 22.11 -30.08
CA PHE A 284 -33.77 21.60 -29.30
C PHE A 284 -33.46 21.73 -27.82
N ASP A 285 -34.51 21.55 -27.02
CA ASP A 285 -34.34 21.29 -25.59
C ASP A 285 -34.01 19.82 -25.41
N SER A 286 -32.87 19.54 -24.77
CA SER A 286 -32.29 18.21 -24.86
C SER A 286 -31.50 17.89 -23.60
N ILE A 287 -31.41 16.60 -23.31
CA ILE A 287 -30.35 16.08 -22.47
C ILE A 287 -29.50 15.16 -23.33
N PHE A 288 -28.20 15.07 -22.98
CA PHE A 288 -27.24 14.29 -23.76
C PHE A 288 -27.08 14.84 -25.18
N ARG A 289 -26.98 16.16 -25.28
CA ARG A 289 -26.64 16.82 -26.54
C ARG A 289 -25.70 17.97 -26.21
N PHE A 290 -24.71 18.15 -27.09
CA PHE A 290 -23.64 19.11 -26.86
C PHE A 290 -23.44 19.96 -28.11
N SER A 291 -22.99 21.20 -27.91
CA SER A 291 -23.11 22.21 -28.96
C SER A 291 -22.09 22.03 -30.07
N PHE A 292 -20.81 21.94 -29.73
CA PHE A 292 -19.73 21.90 -30.72
C PHE A 292 -19.07 20.53 -30.69
N VAL A 293 -19.20 19.81 -31.81
CA VAL A 293 -18.85 18.40 -31.97
C VAL A 293 -18.27 18.22 -33.37
N PRO A 294 -17.68 17.06 -33.69
CA PRO A 294 -17.11 16.87 -35.04
C PRO A 294 -18.14 16.95 -36.17
N VAL A 295 -17.66 17.32 -37.36
CA VAL A 295 -18.50 17.46 -38.55
C VAL A 295 -18.13 16.41 -39.59
N ILE A 296 -19.14 16.00 -40.36
CA ILE A 296 -18.93 15.08 -41.49
C ILE A 296 -18.57 15.97 -42.68
N ASP A 297 -17.28 16.29 -42.78
CA ASP A 297 -16.79 17.34 -43.66
C ASP A 297 -16.38 16.85 -45.04
N GLY A 298 -16.13 15.56 -45.21
CA GLY A 298 -15.58 15.08 -46.46
C GLY A 298 -14.07 14.97 -46.46
N GLU A 299 -13.40 15.41 -45.40
CA GLU A 299 -11.94 15.34 -45.31
C GLU A 299 -11.54 14.36 -44.20
N PHE A 300 -11.63 14.80 -42.94
CA PHE A 300 -11.42 13.88 -41.82
C PHE A 300 -12.28 12.63 -41.98
N PHE A 301 -13.55 12.82 -42.35
CA PHE A 301 -14.47 11.74 -42.69
C PHE A 301 -14.80 11.84 -44.17
N PRO A 302 -14.31 10.94 -45.02
CA PRO A 302 -14.56 11.08 -46.47
C PRO A 302 -16.02 10.98 -46.88
N THR A 303 -16.80 10.08 -46.27
CA THR A 303 -18.24 10.03 -46.52
C THR A 303 -18.99 9.91 -45.20
N SER A 304 -20.29 9.66 -45.28
CA SER A 304 -21.07 9.45 -44.06
C SER A 304 -20.49 8.29 -43.26
N LEU A 305 -20.65 8.38 -41.93
CA LEU A 305 -20.15 7.34 -41.05
C LEU A 305 -20.70 5.97 -41.44
N GLU A 306 -22.00 5.91 -41.77
CA GLU A 306 -22.64 4.64 -42.06
C GLU A 306 -22.11 4.02 -43.35
N SER A 307 -21.92 4.84 -44.39
CA SER A 307 -21.36 4.33 -45.64
C SER A 307 -19.90 3.91 -45.49
N MET A 308 -19.19 4.45 -44.50
CA MET A 308 -17.85 3.94 -44.23
C MET A 308 -17.90 2.61 -43.49
N LEU A 309 -18.82 2.49 -42.51
CA LEU A 309 -19.01 1.21 -41.84
C LEU A 309 -19.51 0.13 -42.79
N ASN A 310 -20.35 0.51 -43.77
CA ASN A 310 -20.87 -0.44 -44.74
C ASN A 310 -19.78 -0.95 -45.67
N SER A 311 -19.11 -0.04 -46.39
CA SER A 311 -18.09 -0.44 -47.35
C SER A 311 -16.85 -1.04 -46.71
N GLY A 312 -16.68 -0.90 -45.40
CA GLY A 312 -15.46 -1.34 -44.78
C GLY A 312 -14.32 -0.34 -44.86
N ASN A 313 -14.60 0.93 -45.14
CA ASN A 313 -13.56 1.96 -45.26
C ASN A 313 -13.11 2.39 -43.86
N PHE A 314 -12.27 1.57 -43.25
CA PHE A 314 -11.69 1.89 -41.94
C PHE A 314 -10.52 0.96 -41.66
N LYS A 315 -9.75 1.32 -40.63
CA LYS A 315 -8.66 0.47 -40.16
C LYS A 315 -9.19 -0.88 -39.68
N LYS A 316 -8.56 -1.96 -40.14
CA LYS A 316 -8.87 -3.32 -39.72
C LYS A 316 -7.84 -3.77 -38.69
N THR A 317 -8.29 -3.97 -37.45
CA THR A 317 -7.41 -4.41 -36.36
C THR A 317 -8.29 -5.06 -35.30
N GLN A 318 -7.79 -5.14 -34.07
CA GLN A 318 -8.55 -5.65 -32.93
C GLN A 318 -9.11 -4.48 -32.11
N ILE A 319 -10.33 -4.66 -31.59
CA ILE A 319 -10.99 -3.71 -30.70
C ILE A 319 -11.49 -4.43 -29.46
N LEU A 320 -11.43 -3.73 -28.32
CA LEU A 320 -11.96 -4.18 -27.04
C LEU A 320 -12.84 -3.06 -26.50
N LEU A 321 -14.14 -3.29 -26.42
CA LEU A 321 -15.06 -2.21 -26.11
C LEU A 321 -16.19 -2.72 -25.23
N GLY A 322 -16.96 -1.78 -24.71
CA GLY A 322 -18.07 -2.14 -23.84
C GLY A 322 -18.77 -0.92 -23.29
N VAL A 323 -19.74 -1.19 -22.42
CA VAL A 323 -20.63 -0.18 -21.87
C VAL A 323 -20.87 -0.48 -20.40
N ASN A 324 -21.48 0.47 -19.70
CA ASN A 324 -21.89 0.28 -18.32
C ASN A 324 -23.39 0.08 -18.26
N LYS A 325 -23.88 -0.31 -17.07
CA LYS A 325 -25.27 -0.71 -16.90
C LYS A 325 -26.24 0.47 -16.92
N ASP A 326 -25.84 1.62 -16.37
CA ASP A 326 -26.73 2.78 -16.22
C ASP A 326 -26.05 4.02 -16.78
N GLU A 327 -25.80 4.00 -18.10
CA GLU A 327 -25.19 5.16 -18.75
C GLU A 327 -26.08 6.38 -18.68
N GLY A 328 -27.39 6.21 -18.51
CA GLY A 328 -28.30 7.34 -18.64
C GLY A 328 -28.57 8.15 -17.39
N SER A 329 -28.29 7.58 -16.21
CA SER A 329 -28.86 8.10 -14.97
C SER A 329 -28.42 9.55 -14.69
N PHE A 330 -27.12 9.82 -14.64
CA PHE A 330 -26.74 11.16 -14.22
C PHE A 330 -27.15 12.21 -15.26
N PHE A 331 -27.38 11.84 -16.51
CA PHE A 331 -27.90 12.81 -17.47
C PHE A 331 -29.33 13.22 -17.14
N LEU A 332 -30.09 12.33 -16.51
CA LEU A 332 -31.44 12.65 -16.07
C LEU A 332 -31.42 13.48 -14.79
N LEU A 333 -30.55 13.11 -13.84
CA LEU A 333 -30.28 13.94 -12.67
C LEU A 333 -30.13 15.41 -13.06
N TYR A 334 -29.30 15.68 -14.06
CA TYR A 334 -28.96 17.06 -14.40
C TYR A 334 -30.03 17.74 -15.23
N GLY A 335 -30.65 17.05 -16.18
CA GLY A 335 -31.54 17.75 -17.09
C GLY A 335 -33.03 17.42 -17.02
N ALA A 336 -33.45 16.44 -16.20
CA ALA A 336 -34.82 15.96 -16.37
C ALA A 336 -35.72 16.31 -15.18
N PRO A 337 -37.03 16.40 -15.40
CA PRO A 337 -37.96 16.69 -14.29
C PRO A 337 -38.22 15.47 -13.41
N GLY A 338 -38.07 15.69 -12.10
CA GLY A 338 -38.45 14.73 -11.09
C GLY A 338 -37.31 14.00 -10.43
N PHE A 339 -36.08 14.22 -10.87
CA PHE A 339 -34.93 13.53 -10.31
C PHE A 339 -34.24 14.41 -9.26
N SER A 340 -33.42 13.76 -8.43
CA SER A 340 -32.80 14.46 -7.31
C SER A 340 -31.69 13.59 -6.70
N LYS A 341 -30.56 14.22 -6.40
CA LYS A 341 -29.39 13.55 -5.83
C LYS A 341 -29.66 13.06 -4.41
N ASP A 342 -30.59 13.67 -3.70
CA ASP A 342 -30.90 13.32 -2.31
C ASP A 342 -32.29 12.71 -2.17
N SER A 343 -32.77 12.02 -3.21
CA SER A 343 -34.10 11.44 -3.22
C SER A 343 -34.06 10.17 -4.05
N GLU A 344 -35.07 9.32 -3.83
CA GLU A 344 -35.20 8.10 -4.63
C GLU A 344 -35.60 8.38 -6.07
N SER A 345 -36.11 9.58 -6.37
CA SER A 345 -36.35 10.03 -7.74
C SER A 345 -37.41 9.17 -8.43
N LYS A 346 -38.54 8.94 -7.75
CA LYS A 346 -39.71 8.39 -8.43
C LYS A 346 -40.34 9.48 -9.29
N ILE A 347 -40.83 9.10 -10.46
CA ILE A 347 -41.21 10.10 -11.44
C ILE A 347 -42.61 9.75 -11.96
N SER A 348 -43.50 10.75 -11.96
CA SER A 348 -44.88 10.60 -12.41
C SER A 348 -44.93 10.37 -13.93
N ARG A 349 -46.09 9.88 -14.40
CA ARG A 349 -46.26 9.65 -15.83
C ARG A 349 -46.12 10.94 -16.63
N GLU A 350 -46.39 12.09 -16.02
CA GLU A 350 -46.29 13.34 -16.75
C GLU A 350 -44.83 13.73 -16.98
N ASP A 351 -43.99 13.53 -15.96
CA ASP A 351 -42.55 13.76 -16.11
C ASP A 351 -41.91 12.72 -17.04
N PHE A 352 -42.44 11.49 -17.07
CA PHE A 352 -41.91 10.49 -17.99
C PHE A 352 -42.05 10.95 -19.44
N MET A 353 -43.24 11.40 -19.82
CA MET A 353 -43.43 11.79 -21.21
C MET A 353 -42.66 13.06 -21.54
N SER A 354 -42.31 13.87 -20.54
CA SER A 354 -41.44 15.02 -20.75
C SER A 354 -40.00 14.58 -20.97
N GLY A 355 -39.50 13.68 -20.11
CA GLY A 355 -38.19 13.09 -20.31
C GLY A 355 -38.01 12.47 -21.69
N VAL A 356 -39.02 11.72 -22.16
CA VAL A 356 -38.92 11.13 -23.49
C VAL A 356 -38.71 12.21 -24.54
N LYS A 357 -39.40 13.34 -24.39
CA LYS A 357 -39.25 14.44 -25.33
C LYS A 357 -37.84 15.01 -25.30
N LEU A 358 -37.28 15.21 -24.10
CA LEU A 358 -35.92 15.71 -23.98
C LEU A 358 -34.90 14.70 -24.48
N SER A 359 -35.21 13.41 -24.40
CA SER A 359 -34.22 12.38 -24.65
C SER A 359 -34.11 11.99 -26.11
N VAL A 360 -35.20 12.06 -26.86
CA VAL A 360 -35.15 11.88 -28.31
C VAL A 360 -35.55 13.21 -28.91
N PRO A 361 -34.70 14.24 -28.81
CA PRO A 361 -35.14 15.59 -29.19
C PRO A 361 -35.43 15.76 -30.68
N HIS A 362 -34.99 14.84 -31.52
CA HIS A 362 -35.20 14.97 -32.96
C HIS A 362 -36.48 14.30 -33.45
N ALA A 363 -37.14 13.51 -32.63
CA ALA A 363 -38.28 12.75 -33.11
C ALA A 363 -39.50 13.64 -33.29
N ASN A 364 -40.38 13.20 -34.18
CA ASN A 364 -41.72 13.73 -34.29
C ASN A 364 -42.64 12.95 -33.34
N ASP A 365 -43.93 13.28 -33.39
CA ASP A 365 -44.87 12.71 -32.43
C ASP A 365 -45.02 11.20 -32.62
N LEU A 366 -45.01 10.72 -33.86
CA LEU A 366 -45.03 9.27 -34.07
C LEU A 366 -43.83 8.59 -33.42
N GLY A 367 -42.65 9.21 -33.54
CA GLY A 367 -41.46 8.63 -32.92
C GLY A 367 -41.52 8.63 -31.39
N LEU A 368 -41.98 9.73 -30.80
CA LEU A 368 -42.11 9.77 -29.35
C LEU A 368 -43.17 8.79 -28.85
N ASP A 369 -44.23 8.57 -29.63
CA ASP A 369 -45.20 7.54 -29.23
C ASP A 369 -44.56 6.17 -29.25
N ALA A 370 -43.76 5.90 -30.29
CA ALA A 370 -43.09 4.60 -30.40
C ALA A 370 -42.16 4.37 -29.22
N VAL A 371 -41.35 5.37 -28.88
CA VAL A 371 -40.41 5.26 -27.76
C VAL A 371 -41.17 5.04 -26.46
N THR A 372 -42.23 5.82 -26.24
CA THR A 372 -43.06 5.65 -25.06
C THR A 372 -43.61 4.23 -24.99
N LEU A 373 -44.16 3.73 -26.09
CA LEU A 373 -44.77 2.41 -26.09
C LEU A 373 -43.76 1.34 -25.71
N GLN A 374 -42.52 1.47 -26.21
CA GLN A 374 -41.53 0.44 -25.99
C GLN A 374 -41.05 0.34 -24.54
N TYR A 375 -41.21 1.39 -23.74
CA TYR A 375 -40.65 1.40 -22.39
C TYR A 375 -41.71 1.57 -21.29
N THR A 376 -43.00 1.43 -21.60
CA THR A 376 -44.08 1.57 -20.64
C THR A 376 -44.71 0.22 -20.32
N ASP A 377 -44.85 -0.08 -19.04
CA ASP A 377 -45.59 -1.25 -18.57
C ASP A 377 -47.03 -0.80 -18.36
N TRP A 378 -47.87 -1.01 -19.39
CA TRP A 378 -49.25 -0.51 -19.35
C TRP A 378 -50.13 -1.22 -18.35
N MET A 379 -49.66 -2.26 -17.68
CA MET A 379 -50.36 -2.83 -16.54
C MET A 379 -50.14 -2.05 -15.25
N ASP A 380 -49.30 -1.02 -15.28
CA ASP A 380 -48.74 -0.41 -14.09
C ASP A 380 -48.06 0.90 -14.44
N ASP A 381 -48.71 1.71 -15.27
CA ASP A 381 -48.05 2.87 -15.88
C ASP A 381 -47.88 4.06 -14.93
N ASN A 382 -48.33 4.00 -13.67
CA ASN A 382 -48.06 5.07 -12.70
C ASN A 382 -47.11 4.61 -11.61
N ASN A 383 -46.42 3.49 -11.82
CA ASN A 383 -45.36 3.06 -10.91
C ASN A 383 -44.17 4.01 -11.05
N GLY A 384 -43.97 4.86 -10.03
CA GLY A 384 -42.90 5.85 -10.10
C GLY A 384 -41.53 5.23 -10.34
N ILE A 385 -41.26 4.08 -9.74
CA ILE A 385 -39.98 3.41 -9.93
C ILE A 385 -39.83 2.94 -11.38
N LYS A 386 -40.85 2.26 -11.91
CA LYS A 386 -40.78 1.77 -13.29
C LYS A 386 -40.63 2.90 -14.28
N ASN A 387 -41.26 4.05 -14.00
CA ASN A 387 -41.10 5.20 -14.88
C ASN A 387 -39.70 5.75 -14.83
N ARG A 388 -39.10 5.82 -13.64
CA ARG A 388 -37.71 6.28 -13.51
C ARG A 388 -36.76 5.35 -14.24
N ASP A 389 -36.73 4.07 -13.83
CA ASP A 389 -35.90 3.07 -14.49
C ASP A 389 -36.13 3.01 -15.98
N GLY A 390 -37.38 3.20 -16.42
CA GLY A 390 -37.67 3.13 -17.83
C GLY A 390 -36.99 4.24 -18.62
N LEU A 391 -37.08 5.47 -18.11
CA LEU A 391 -36.48 6.61 -18.80
C LEU A 391 -34.95 6.56 -18.73
N ASP A 392 -34.41 6.06 -17.61
CA ASP A 392 -33.00 5.77 -17.50
C ASP A 392 -32.52 4.91 -18.66
N ASP A 393 -33.17 3.76 -18.83
CA ASP A 393 -32.78 2.86 -19.91
C ASP A 393 -32.95 3.50 -21.27
N ILE A 394 -33.90 4.43 -21.42
CA ILE A 394 -34.07 5.11 -22.71
C ILE A 394 -32.80 5.91 -23.05
N VAL A 395 -32.35 6.75 -22.11
CA VAL A 395 -31.19 7.60 -22.35
C VAL A 395 -29.97 6.76 -22.69
N GLY A 396 -29.67 5.75 -21.86
CA GLY A 396 -28.50 4.92 -22.12
C GLY A 396 -28.59 4.13 -23.41
N ASP A 397 -29.77 3.55 -23.70
CA ASP A 397 -29.91 2.74 -24.91
C ASP A 397 -29.74 3.61 -26.14
N HIS A 398 -30.46 4.72 -26.21
CA HIS A 398 -30.40 5.59 -27.37
C HIS A 398 -29.03 6.23 -27.55
N ASN A 399 -28.40 6.68 -26.47
CA ASN A 399 -27.21 7.51 -26.65
C ASN A 399 -25.92 6.71 -26.66
N VAL A 400 -25.86 5.61 -25.93
CA VAL A 400 -24.60 4.92 -25.70
C VAL A 400 -24.66 3.47 -26.17
N ILE A 401 -25.54 2.67 -25.56
CA ILE A 401 -25.48 1.22 -25.75
C ILE A 401 -25.80 0.83 -27.18
N CYS A 402 -26.93 1.29 -27.70
CA CYS A 402 -27.31 0.80 -29.02
C CYS A 402 -26.46 1.38 -30.14
N PRO A 403 -25.98 2.63 -30.04
CA PRO A 403 -24.94 3.08 -30.99
C PRO A 403 -23.71 2.20 -30.98
N LEU A 404 -23.21 1.87 -29.79
CA LEU A 404 -22.02 1.00 -29.71
C LEU A 404 -22.31 -0.37 -30.31
N MET A 405 -23.46 -0.95 -29.98
CA MET A 405 -23.81 -2.26 -30.54
C MET A 405 -23.88 -2.22 -32.06
N HIS A 406 -24.45 -1.16 -32.62
CA HIS A 406 -24.45 -1.02 -34.08
C HIS A 406 -23.03 -0.95 -34.63
N PHE A 407 -22.13 -0.26 -33.91
CA PHE A 407 -20.75 -0.16 -34.35
C PHE A 407 -20.03 -1.50 -34.25
N VAL A 408 -20.38 -2.28 -33.22
CA VAL A 408 -19.75 -3.59 -33.02
C VAL A 408 -20.11 -4.53 -34.15
N ASN A 409 -21.38 -4.50 -34.59
CA ASN A 409 -21.83 -5.45 -35.58
CA ASN A 409 -21.87 -5.44 -35.60
C ASN A 409 -21.27 -5.14 -36.96
N LYS A 410 -21.16 -3.86 -37.31
CA LYS A 410 -20.58 -3.50 -38.60
C LYS A 410 -19.07 -3.70 -38.62
N TYR A 411 -18.40 -3.41 -37.50
CA TYR A 411 -16.95 -3.54 -37.50
C TYR A 411 -16.51 -5.00 -37.57
N THR A 412 -17.26 -5.90 -36.94
CA THR A 412 -16.82 -7.29 -36.88
C THR A 412 -16.80 -7.94 -38.27
N LYS A 413 -17.67 -7.49 -39.17
CA LYS A 413 -17.68 -7.98 -40.55
C LYS A 413 -16.30 -7.94 -41.18
N PHE A 414 -15.59 -6.83 -41.01
CA PHE A 414 -14.30 -6.62 -41.67
C PHE A 414 -13.11 -6.68 -40.73
N GLY A 415 -13.31 -6.62 -39.41
CA GLY A 415 -12.21 -6.52 -38.47
C GLY A 415 -11.52 -7.85 -38.19
N ASN A 416 -10.51 -7.78 -37.32
CA ASN A 416 -9.72 -8.96 -36.91
C ASN A 416 -9.69 -9.04 -35.38
N GLY A 417 -10.86 -9.24 -34.79
CA GLY A 417 -10.90 -9.46 -33.36
C GLY A 417 -11.71 -8.43 -32.62
N THR A 418 -12.79 -8.86 -31.99
CA THR A 418 -13.70 -8.00 -31.25
C THR A 418 -13.94 -8.62 -29.88
N TYR A 419 -13.76 -7.83 -28.83
CA TYR A 419 -13.97 -8.27 -27.46
C TYR A 419 -14.93 -7.32 -26.77
N LEU A 420 -16.12 -7.81 -26.45
CA LEU A 420 -17.21 -6.99 -25.94
C LEU A 420 -17.41 -7.26 -24.46
N TYR A 421 -17.57 -6.18 -23.68
CA TYR A 421 -17.77 -6.27 -22.24
C TYR A 421 -19.01 -5.49 -21.80
N PHE A 422 -19.56 -5.91 -20.66
CA PHE A 422 -20.67 -5.21 -20.01
C PHE A 422 -20.26 -4.97 -18.56
N PHE A 423 -20.08 -3.71 -18.19
CA PHE A 423 -19.60 -3.36 -16.87
C PHE A 423 -20.79 -3.00 -15.97
N ASN A 424 -20.89 -3.68 -14.83
CA ASN A 424 -22.05 -3.55 -13.96
C ASN A 424 -21.69 -3.87 -12.52
N HIS A 425 -20.49 -3.50 -12.11
CA HIS A 425 -20.19 -3.43 -10.69
C HIS A 425 -20.44 -2.01 -10.21
N ARG A 426 -21.19 -1.87 -9.11
CA ARG A 426 -21.37 -0.59 -8.45
C ARG A 426 -20.35 -0.47 -7.32
N ALA A 427 -19.45 0.51 -7.43
CA ALA A 427 -18.37 0.63 -6.45
C ALA A 427 -18.95 0.77 -5.05
N SER A 428 -18.32 0.10 -4.09
CA SER A 428 -18.81 0.07 -2.73
C SER A 428 -18.73 1.43 -2.03
N ASN A 429 -17.89 2.35 -2.52
CA ASN A 429 -17.66 3.64 -1.89
C ASN A 429 -18.33 4.79 -2.63
N LEU A 430 -19.31 4.50 -3.49
CA LEU A 430 -19.91 5.51 -4.35
C LEU A 430 -20.69 6.55 -3.55
N VAL A 431 -20.50 7.82 -3.91
CA VAL A 431 -21.09 8.93 -3.18
C VAL A 431 -22.45 9.31 -3.75
N TRP A 432 -22.83 8.75 -4.86
CA TRP A 432 -24.11 9.01 -5.48
C TRP A 432 -25.17 8.04 -4.96
N PRO A 433 -26.45 8.44 -4.99
CA PRO A 433 -27.52 7.53 -4.56
C PRO A 433 -27.55 6.28 -5.41
N GLU A 434 -28.00 5.18 -4.81
CA GLU A 434 -27.90 3.90 -5.50
C GLU A 434 -28.94 3.74 -6.60
N TRP A 435 -29.93 4.64 -6.71
CA TRP A 435 -30.86 4.51 -7.83
C TRP A 435 -30.16 4.73 -9.16
N MET A 436 -29.02 5.40 -9.18
CA MET A 436 -28.29 5.62 -10.42
C MET A 436 -27.37 4.48 -10.78
N GLY A 437 -27.23 3.48 -9.91
CA GLY A 437 -26.58 2.24 -10.28
C GLY A 437 -25.14 2.43 -10.69
N VAL A 438 -24.79 1.89 -11.84
CA VAL A 438 -23.43 1.94 -12.38
C VAL A 438 -23.40 3.11 -13.36
N ILE A 439 -22.77 4.23 -12.94
CA ILE A 439 -22.92 5.51 -13.61
C ILE A 439 -21.91 5.65 -14.73
N HIS A 440 -22.33 6.36 -15.78
CA HIS A 440 -21.47 6.75 -16.89
C HIS A 440 -20.16 7.36 -16.40
N GLY A 441 -19.05 6.76 -16.79
CA GLY A 441 -17.73 7.20 -16.40
C GLY A 441 -17.14 6.47 -15.22
N TYR A 442 -17.90 5.63 -14.55
CA TYR A 442 -17.44 5.10 -13.26
C TYR A 442 -16.74 3.76 -13.36
N GLU A 443 -16.56 3.22 -14.57
CA GLU A 443 -15.60 2.14 -14.77
C GLU A 443 -14.16 2.67 -14.85
N ILE A 444 -13.98 3.98 -15.08
CA ILE A 444 -12.65 4.53 -15.32
C ILE A 444 -11.74 4.30 -14.12
N GLU A 445 -12.26 4.46 -12.90
CA GLU A 445 -11.40 4.29 -11.73
C GLU A 445 -10.88 2.85 -11.62
N PHE A 446 -11.60 1.87 -12.17
CA PHE A 446 -11.11 0.50 -12.13
C PHE A 446 -10.06 0.26 -13.21
N VAL A 447 -10.27 0.85 -14.39
CA VAL A 447 -9.30 0.77 -15.48
C VAL A 447 -7.95 1.35 -15.06
N PHE A 448 -7.97 2.46 -14.32
CA PHE A 448 -6.75 3.20 -13.99
C PHE A 448 -6.18 2.81 -12.63
N GLY A 449 -6.63 1.71 -12.03
CA GLY A 449 -5.96 1.10 -10.91
C GLY A 449 -6.24 1.71 -9.55
N LEU A 450 -7.15 2.67 -9.45
CA LEU A 450 -7.34 3.32 -8.15
C LEU A 450 -7.78 2.40 -7.03
N PRO A 451 -8.52 1.29 -7.25
CA PRO A 451 -8.83 0.40 -6.13
C PRO A 451 -7.60 -0.22 -5.45
N LEU A 452 -6.40 -0.07 -6.01
CA LEU A 452 -5.18 -0.57 -5.38
C LEU A 452 -4.65 0.36 -4.29
N VAL A 453 -5.26 1.53 -4.12
CA VAL A 453 -4.86 2.48 -3.08
C VAL A 453 -5.75 2.24 -1.87
N LYS A 454 -5.17 1.70 -0.79
CA LYS A 454 -5.91 1.46 0.44
C LYS A 454 -6.63 2.71 0.92
N GLU A 455 -6.00 3.87 0.72
CA GLU A 455 -6.54 5.14 1.21
C GLU A 455 -7.95 5.40 0.68
N LEU A 456 -8.25 4.92 -0.52
CA LEU A 456 -9.52 5.27 -1.18
C LEU A 456 -10.66 4.32 -0.83
N ASN A 457 -10.43 3.37 0.08
CA ASN A 457 -11.49 2.65 0.79
C ASN A 457 -12.34 1.80 -0.16
N TYR A 458 -11.68 1.07 -1.05
CA TYR A 458 -12.32 0.02 -1.84
C TYR A 458 -12.24 -1.29 -1.07
N THR A 459 -13.02 -2.26 -1.52
CA THR A 459 -12.92 -3.61 -0.97
C THR A 459 -11.82 -4.38 -1.70
N ALA A 460 -11.33 -5.43 -1.03
CA ALA A 460 -10.28 -6.26 -1.63
C ALA A 460 -10.75 -6.99 -2.87
N GLU A 461 -12.07 -7.23 -3.00
CA GLU A 461 -12.62 -7.82 -4.21
C GLU A 461 -12.66 -6.80 -5.35
N GLU A 462 -12.83 -5.52 -5.02
CA GLU A 462 -12.69 -4.47 -6.02
C GLU A 462 -11.23 -4.28 -6.45
N GLU A 463 -10.28 -4.48 -5.53
CA GLU A 463 -8.88 -4.47 -5.94
C GLU A 463 -8.62 -5.58 -6.96
N ALA A 464 -9.19 -6.76 -6.73
CA ALA A 464 -8.99 -7.87 -7.66
C ALA A 464 -9.65 -7.59 -9.00
N LEU A 465 -10.89 -7.09 -8.98
CA LEU A 465 -11.56 -6.71 -10.22
C LEU A 465 -10.73 -5.68 -10.99
N SER A 466 -10.22 -4.65 -10.29
CA SER A 466 -9.40 -3.64 -10.95
C SER A 466 -8.14 -4.25 -11.57
N ARG A 467 -7.54 -5.21 -10.87
CA ARG A 467 -6.35 -5.87 -11.41
C ARG A 467 -6.68 -6.72 -12.63
N ARG A 468 -7.84 -7.39 -12.63
CA ARG A 468 -8.27 -8.13 -13.82
CA ARG A 468 -8.25 -8.13 -13.82
C ARG A 468 -8.42 -7.21 -15.02
N ILE A 469 -9.05 -6.05 -14.82
CA ILE A 469 -9.32 -5.15 -15.93
C ILE A 469 -8.02 -4.57 -16.47
N MET A 470 -7.15 -4.08 -15.57
CA MET A 470 -5.85 -3.57 -15.99
C MET A 470 -5.10 -4.59 -16.81
N HIS A 471 -5.20 -5.87 -16.42
CA HIS A 471 -4.53 -6.92 -17.16
C HIS A 471 -5.21 -7.18 -18.51
N TYR A 472 -6.55 -7.36 -18.51
CA TYR A 472 -7.29 -7.51 -19.78
C TYR A 472 -6.93 -6.40 -20.76
N TRP A 473 -6.92 -5.16 -20.27
CA TRP A 473 -6.62 -4.01 -21.10
C TRP A 473 -5.18 -4.08 -21.61
N ALA A 474 -4.22 -4.21 -20.70
CA ALA A 474 -2.81 -4.20 -21.09
C ALA A 474 -2.44 -5.38 -21.96
N THR A 475 -2.93 -6.57 -21.62
CA THR A 475 -2.73 -7.75 -22.47
C THR A 475 -3.34 -7.54 -23.85
N PHE A 476 -4.55 -6.98 -23.92
CA PHE A 476 -5.12 -6.63 -25.21
C PHE A 476 -4.21 -5.65 -25.95
N ALA A 477 -3.63 -4.69 -25.21
CA ALA A 477 -2.74 -3.70 -25.81
C ALA A 477 -1.47 -4.33 -26.35
N LYS A 478 -0.94 -5.38 -25.72
CA LYS A 478 0.29 -6.01 -26.19
C LYS A 478 0.03 -7.01 -27.32
N THR A 479 -0.95 -7.90 -27.16
CA THR A 479 -1.13 -9.04 -28.05
C THR A 479 -2.32 -8.92 -29.00
N GLY A 480 -3.21 -7.94 -28.81
CA GLY A 480 -4.44 -7.93 -29.55
C GLY A 480 -5.51 -8.86 -29.02
N ASN A 481 -5.27 -9.49 -27.88
CA ASN A 481 -6.15 -10.44 -27.27
C ASN A 481 -6.06 -10.24 -25.77
N PRO A 482 -7.19 -10.11 -25.05
CA PRO A 482 -7.12 -9.81 -23.62
C PRO A 482 -6.83 -11.01 -22.75
N ASN A 483 -7.00 -12.22 -23.28
CA ASN A 483 -6.64 -13.40 -22.53
C ASN A 483 -5.16 -13.72 -22.74
N GLU A 484 -4.54 -14.31 -21.70
CA GLU A 484 -3.19 -14.82 -21.78
C GLU A 484 -3.30 -16.31 -22.10
N PRO A 485 -2.95 -16.70 -23.31
CA PRO A 485 -2.55 -18.08 -23.56
C PRO A 485 -1.98 -18.88 -22.37
N HIS A 486 -2.30 -20.18 -22.35
CA HIS A 486 -1.76 -21.15 -21.40
C HIS A 486 -2.03 -20.77 -19.94
N SER A 487 -3.11 -20.03 -19.68
CA SER A 487 -3.51 -19.80 -18.31
C SER A 487 -4.72 -20.67 -17.98
N GLN A 488 -5.19 -20.53 -16.75
CA GLN A 488 -6.31 -21.33 -16.29
C GLN A 488 -7.49 -20.45 -15.87
N GLU A 489 -7.36 -19.13 -15.95
CA GLU A 489 -8.53 -18.26 -15.79
C GLU A 489 -9.45 -18.42 -17.00
N SER A 490 -10.75 -18.34 -16.74
CA SER A 490 -11.73 -18.53 -17.80
C SER A 490 -11.49 -17.52 -18.91
N LYS A 491 -11.69 -17.94 -20.15
CA LYS A 491 -11.36 -17.11 -21.29
C LYS A 491 -12.52 -16.19 -21.64
N TRP A 492 -12.18 -14.97 -22.04
CA TRP A 492 -13.13 -13.99 -22.56
C TRP A 492 -13.29 -14.27 -24.06
N PRO A 493 -14.44 -14.73 -24.52
CA PRO A 493 -14.57 -15.15 -25.91
C PRO A 493 -14.63 -13.99 -26.89
N LEU A 494 -14.18 -14.29 -28.12
CA LEU A 494 -14.34 -13.37 -29.23
C LEU A 494 -15.82 -13.15 -29.51
N PHE A 495 -16.21 -11.89 -29.60
CA PHE A 495 -17.51 -11.54 -30.17
C PHE A 495 -17.48 -11.89 -31.65
N THR A 496 -18.43 -12.70 -32.11
CA THR A 496 -18.47 -13.11 -33.50
C THR A 496 -19.80 -12.69 -34.12
N THR A 497 -19.79 -12.49 -35.44
CA THR A 497 -21.02 -12.12 -36.14
C THR A 497 -22.15 -13.11 -35.85
N LYS A 498 -21.82 -14.40 -35.73
CA LYS A 498 -22.85 -15.42 -35.53
C LYS A 498 -23.27 -15.53 -34.07
N GLU A 499 -22.32 -15.69 -33.15
CA GLU A 499 -22.66 -16.00 -31.75
C GLU A 499 -22.75 -14.77 -30.86
N GLN A 500 -22.13 -13.65 -31.25
CA GLN A 500 -22.30 -12.35 -30.59
C GLN A 500 -22.14 -12.46 -29.07
N LYS A 501 -21.08 -13.12 -28.64
CA LYS A 501 -20.85 -13.34 -27.21
C LYS A 501 -20.20 -12.12 -26.57
N PHE A 502 -20.43 -11.98 -25.26
CA PHE A 502 -19.78 -10.96 -24.45
C PHE A 502 -19.75 -11.43 -23.00
N ILE A 503 -18.92 -10.78 -22.18
CA ILE A 503 -18.76 -11.15 -20.78
C ILE A 503 -19.28 -10.05 -19.86
N ASP A 504 -19.43 -10.40 -18.59
CA ASP A 504 -19.69 -9.45 -17.51
C ASP A 504 -18.38 -9.10 -16.83
N LEU A 505 -18.19 -7.81 -16.55
CA LEU A 505 -17.07 -7.35 -15.73
C LEU A 505 -17.63 -6.93 -14.38
N ASN A 506 -17.36 -7.74 -13.35
CA ASN A 506 -17.80 -7.48 -11.98
C ASN A 506 -16.99 -8.39 -11.06
N THR A 507 -17.34 -8.40 -9.78
CA THR A 507 -16.62 -9.21 -8.80
C THR A 507 -16.96 -10.68 -8.87
N GLU A 508 -18.11 -11.04 -9.44
CA GLU A 508 -18.52 -12.43 -9.52
C GLU A 508 -17.72 -13.16 -10.60
N PRO A 509 -17.72 -14.49 -10.58
CA PRO A 509 -17.07 -15.25 -11.65
C PRO A 509 -17.59 -14.87 -13.03
N MET A 510 -16.72 -14.97 -14.02
CA MET A 510 -17.05 -14.51 -15.36
C MET A 510 -18.18 -15.33 -15.96
N LYS A 511 -19.24 -14.65 -16.39
CA LYS A 511 -20.33 -15.27 -17.14
C LYS A 511 -20.27 -14.81 -18.59
N VAL A 512 -20.59 -15.72 -19.51
CA VAL A 512 -20.69 -15.39 -20.92
C VAL A 512 -22.17 -15.23 -21.27
N HIS A 513 -22.52 -14.15 -21.95
CA HIS A 513 -23.85 -13.94 -22.48
C HIS A 513 -23.76 -13.72 -23.99
N GLN A 514 -24.92 -13.64 -24.64
CA GLN A 514 -24.99 -13.35 -26.06
C GLN A 514 -26.01 -12.25 -26.31
N ARG A 515 -25.85 -11.59 -27.46
CA ARG A 515 -26.76 -10.57 -27.97
C ARG A 515 -27.09 -9.53 -26.90
N LEU A 516 -26.17 -8.59 -26.67
CA LEU A 516 -26.35 -7.61 -25.63
C LEU A 516 -27.49 -6.66 -25.98
N ARG A 517 -28.51 -6.61 -25.11
CA ARG A 517 -29.68 -5.73 -25.22
C ARG A 517 -30.24 -5.68 -26.64
N VAL A 518 -30.44 -6.87 -27.20
CA VAL A 518 -30.76 -6.96 -28.62
C VAL A 518 -32.18 -6.46 -28.88
N GLN A 519 -33.13 -6.83 -28.02
CA GLN A 519 -34.52 -6.43 -28.21
C GLN A 519 -34.67 -4.91 -28.36
N MET A 520 -34.04 -4.14 -27.45
CA MET A 520 -34.16 -2.68 -27.52
C MET A 520 -33.31 -2.08 -28.64
N CYS A 521 -32.18 -2.71 -28.99
CA CYS A 521 -31.35 -2.12 -30.03
C CYS A 521 -31.85 -2.40 -31.44
N VAL A 522 -32.69 -3.42 -31.63
CA VAL A 522 -33.38 -3.53 -32.91
C VAL A 522 -34.37 -2.38 -33.07
N PHE A 523 -35.01 -1.97 -31.98
CA PHE A 523 -35.88 -0.79 -32.02
C PHE A 523 -35.09 0.47 -32.36
N TRP A 524 -33.99 0.71 -31.64
CA TRP A 524 -33.28 1.97 -31.78
C TRP A 524 -32.44 2.03 -33.06
N ASN A 525 -31.92 0.88 -33.51
CA ASN A 525 -31.01 0.89 -34.67
C ASN A 525 -31.70 0.54 -35.97
N GLN A 526 -32.76 -0.25 -35.95
CA GLN A 526 -33.42 -0.65 -37.18
C GLN A 526 -34.80 -0.01 -37.36
N PHE A 527 -35.70 -0.16 -36.39
CA PHE A 527 -37.09 0.26 -36.60
C PHE A 527 -37.27 1.77 -36.50
N LEU A 528 -36.76 2.40 -35.45
CA LEU A 528 -37.06 3.82 -35.26
C LEU A 528 -36.44 4.69 -36.34
N PRO A 529 -35.20 4.47 -36.80
CA PRO A 529 -34.70 5.25 -37.95
C PRO A 529 -35.55 5.08 -39.19
N LYS A 530 -36.03 3.86 -39.45
CA LYS A 530 -36.92 3.64 -40.59
C LYS A 530 -38.18 4.47 -40.46
N LEU A 531 -38.73 4.57 -39.24
CA LEU A 531 -39.97 5.30 -39.04
C LEU A 531 -39.75 6.82 -39.10
N LEU A 532 -38.58 7.30 -38.65
CA LEU A 532 -38.29 8.72 -38.76
C LEU A 532 -37.97 9.14 -40.18
N ASN A 533 -37.38 8.22 -40.98
CA ASN A 533 -37.08 8.53 -42.38
C ASN A 533 -38.36 8.56 -43.23
N ALA A 534 -39.31 7.65 -42.95
CA ALA A 534 -40.55 7.59 -43.72
C ALA A 534 -41.58 8.64 -43.32
N THR A 535 -41.39 9.32 -42.18
CA THR A 535 -42.31 10.38 -41.76
C THR A 535 -41.52 11.62 -41.33
N SER B 4 47.73 -8.27 34.01
CA SER B 4 48.33 -8.93 32.84
C SER B 4 47.25 -9.73 32.10
N GLU B 5 46.71 -10.74 32.79
CA GLU B 5 45.44 -11.33 32.40
C GLU B 5 44.42 -10.24 32.06
N LEU B 6 44.42 -9.17 32.86
CA LEU B 6 43.50 -8.05 32.78
C LEU B 6 43.85 -7.05 31.68
N LEU B 7 44.95 -7.24 30.95
CA LEU B 7 45.42 -6.26 29.97
C LEU B 7 45.41 -6.92 28.60
N VAL B 8 44.52 -6.44 27.73
CA VAL B 8 44.27 -7.07 26.43
C VAL B 8 44.39 -6.01 25.34
N ASN B 9 45.05 -6.36 24.25
CA ASN B 9 45.29 -5.44 23.14
CA ASN B 9 45.28 -5.44 23.14
C ASN B 9 44.32 -5.82 22.01
N THR B 10 43.27 -5.02 21.83
CA THR B 10 42.25 -5.25 20.82
C THR B 10 42.60 -4.52 19.51
N LYS B 11 41.76 -4.73 18.48
CA LYS B 11 41.91 -4.02 17.20
C LYS B 11 41.54 -2.55 17.28
N SER B 12 41.12 -2.06 18.44
CA SER B 12 40.76 -0.66 18.60
C SER B 12 41.63 0.05 19.65
N GLY B 13 42.37 -0.69 20.44
CA GLY B 13 43.12 -0.13 21.54
C GLY B 13 43.35 -1.18 22.59
N LYS B 14 44.06 -0.79 23.65
CA LYS B 14 44.22 -1.67 24.79
C LYS B 14 43.15 -1.37 25.84
N VAL B 15 42.75 -2.43 26.54
CA VAL B 15 41.72 -2.40 27.57
CA VAL B 15 41.74 -2.35 27.59
C VAL B 15 42.29 -3.06 28.83
N MET B 16 41.88 -2.56 30.00
CA MET B 16 42.31 -3.17 31.26
C MET B 16 41.11 -3.34 32.18
N GLY B 17 40.71 -4.59 32.43
CA GLY B 17 39.58 -4.91 33.27
C GLY B 17 39.95 -5.06 34.73
N THR B 18 39.17 -5.85 35.45
CA THR B 18 39.28 -5.96 36.90
C THR B 18 39.04 -7.41 37.33
N ARG B 19 39.60 -7.76 38.48
CA ARG B 19 39.42 -9.09 39.07
CA ARG B 19 39.42 -9.08 39.08
C ARG B 19 38.23 -9.03 40.01
N VAL B 20 37.09 -9.56 39.58
CA VAL B 20 35.87 -9.55 40.40
C VAL B 20 35.69 -10.91 41.08
N PRO B 21 35.06 -10.97 42.25
CA PRO B 21 34.81 -12.26 42.89
C PRO B 21 33.51 -12.90 42.40
N VAL B 22 33.57 -14.21 42.22
CA VAL B 22 32.40 -15.01 41.87
C VAL B 22 32.36 -16.21 42.80
N LEU B 23 31.30 -16.27 43.63
CA LEU B 23 31.15 -17.25 44.69
C LEU B 23 32.44 -17.34 45.51
N SER B 24 33.10 -18.50 45.54
CA SER B 24 34.33 -18.58 46.34
C SER B 24 35.57 -18.54 45.45
N SER B 25 35.61 -17.62 44.51
CA SER B 25 36.69 -17.55 43.55
C SER B 25 36.64 -16.17 42.88
N HIS B 26 37.36 -16.02 41.77
CA HIS B 26 37.45 -14.76 41.05
C HIS B 26 37.43 -15.04 39.56
N ILE B 27 37.02 -14.04 38.78
CA ILE B 27 37.18 -14.07 37.33
C ILE B 27 37.54 -12.67 36.84
N SER B 28 37.86 -12.59 35.55
CA SER B 28 38.17 -11.32 34.91
C SER B 28 36.90 -10.71 34.32
N ALA B 29 36.83 -9.37 34.33
CA ALA B 29 35.67 -8.65 33.78
C ALA B 29 36.13 -7.40 33.05
N PHE B 30 35.57 -7.17 31.87
CA PHE B 30 35.95 -6.06 30.99
C PHE B 30 34.70 -5.22 30.72
N LEU B 31 34.48 -4.17 31.51
CA LEU B 31 33.20 -3.49 31.54
C LEU B 31 33.24 -2.18 30.77
N GLY B 32 32.23 -1.94 29.94
CA GLY B 32 32.10 -0.66 29.28
C GLY B 32 33.04 -0.43 28.11
N ILE B 33 33.47 -1.48 27.44
CA ILE B 33 34.30 -1.35 26.24
C ILE B 33 33.45 -0.74 25.12
N PRO B 34 33.87 0.36 24.50
CA PRO B 34 33.09 0.94 23.40
C PRO B 34 33.26 0.15 22.11
N PHE B 35 32.17 0.06 21.36
CA PHE B 35 32.22 -0.56 20.04
C PHE B 35 31.67 0.35 18.96
N ALA B 36 31.31 1.58 19.31
CA ALA B 36 30.72 2.50 18.34
C ALA B 36 31.08 3.93 18.71
N GLU B 37 31.16 4.77 17.68
CA GLU B 37 31.19 6.21 17.92
C GLU B 37 29.90 6.63 18.61
N PRO B 38 29.97 7.50 19.62
CA PRO B 38 28.77 7.94 20.33
C PRO B 38 27.73 8.54 19.38
N PRO B 39 26.54 7.94 19.28
CA PRO B 39 25.54 8.45 18.34
C PRO B 39 24.91 9.76 18.79
N VAL B 40 25.73 10.80 18.97
CA VAL B 40 25.31 12.06 19.56
C VAL B 40 25.32 13.15 18.50
N GLY B 41 24.64 14.25 18.82
CA GLY B 41 24.57 15.37 17.90
C GLY B 41 23.85 15.04 16.61
N ASN B 42 24.51 15.20 15.47
CA ASN B 42 23.87 14.90 14.21
C ASN B 42 23.95 13.42 13.86
N MET B 43 24.48 12.59 14.76
CA MET B 43 24.48 11.15 14.63
C MET B 43 23.26 10.51 15.28
N ARG B 44 22.39 11.31 15.90
CA ARG B 44 21.15 10.80 16.43
C ARG B 44 20.23 10.33 15.29
N PHE B 45 19.72 9.10 15.41
CA PHE B 45 18.82 8.42 14.45
C PHE B 45 19.56 7.87 13.24
N ARG B 46 20.87 7.76 13.28
CA ARG B 46 21.64 7.42 12.10
C ARG B 46 22.46 6.17 12.36
N ARG B 47 22.66 5.35 11.32
CA ARG B 47 23.46 4.13 11.42
C ARG B 47 24.72 4.30 12.25
N PRO B 48 25.06 3.34 13.10
CA PRO B 48 26.26 3.48 13.92
C PRO B 48 27.52 3.45 13.06
N GLU B 49 28.53 4.18 13.50
CA GLU B 49 29.86 4.18 12.89
C GLU B 49 30.86 3.49 13.81
N PRO B 50 31.79 2.70 13.26
CA PRO B 50 32.73 1.96 14.11
C PRO B 50 33.52 2.90 15.01
N LYS B 51 33.71 2.45 16.25
CA LYS B 51 34.52 3.19 17.23
C LYS B 51 35.88 3.53 16.64
N LYS B 52 36.22 4.82 16.65
CA LYS B 52 37.53 5.24 16.19
C LYS B 52 38.60 4.77 17.16
N PRO B 53 39.63 4.06 16.70
CA PRO B 53 40.60 3.46 17.62
C PRO B 53 41.31 4.50 18.47
N TRP B 54 41.50 4.17 19.74
CA TRP B 54 42.05 5.10 20.73
C TRP B 54 43.47 4.70 21.10
N SER B 55 44.23 5.69 21.53
CA SER B 55 45.52 5.44 22.14
C SER B 55 45.37 5.51 23.65
N GLY B 56 46.32 4.90 24.35
CA GLY B 56 46.25 4.77 25.78
C GLY B 56 45.67 3.44 26.21
N VAL B 57 45.23 3.40 27.46
CA VAL B 57 44.62 2.22 28.05
C VAL B 57 43.20 2.61 28.45
N TRP B 58 42.22 2.07 27.73
CA TRP B 58 40.84 2.28 28.11
C TRP B 58 40.57 1.63 29.46
N ASN B 59 40.01 2.39 30.39
CA ASN B 59 39.70 1.85 31.70
C ASN B 59 38.38 1.10 31.64
N ALA B 60 38.43 -0.22 31.53
CA ALA B 60 37.25 -1.06 31.37
C ALA B 60 36.87 -1.76 32.66
N SER B 61 36.85 -1.03 33.78
CA SER B 61 36.66 -1.63 35.09
C SER B 61 35.34 -1.23 35.74
N THR B 62 34.51 -0.47 35.05
CA THR B 62 33.22 -0.08 35.59
C THR B 62 32.16 -0.14 34.49
N TYR B 63 30.91 -0.30 34.90
CA TYR B 63 29.81 -0.38 33.96
C TYR B 63 29.63 0.94 33.20
N PRO B 64 29.16 0.88 31.97
CA PRO B 64 28.96 2.12 31.21
C PRO B 64 27.62 2.77 31.52
N ASN B 65 27.27 3.81 30.78
CA ASN B 65 25.95 4.40 30.90
C ASN B 65 24.89 3.50 30.27
N ASN B 66 23.64 3.68 30.70
CA ASN B 66 22.50 3.05 30.06
C ASN B 66 21.91 4.00 29.03
N CYS B 67 21.34 3.44 27.96
CA CYS B 67 20.81 4.29 26.91
C CYS B 67 19.59 5.06 27.41
N GLN B 68 19.31 6.20 26.75
CA GLN B 68 18.18 7.04 27.13
C GLN B 68 16.87 6.28 26.92
N GLN B 69 16.09 6.18 27.98
CA GLN B 69 14.87 5.40 27.88
C GLN B 69 13.84 5.90 28.87
N TYR B 70 12.58 5.56 28.60
CA TYR B 70 11.49 5.78 29.53
C TYR B 70 11.72 4.96 30.80
N VAL B 71 11.54 5.60 31.94
CA VAL B 71 11.81 4.99 33.23
C VAL B 71 10.48 4.61 33.89
N ASP B 72 10.42 3.40 34.44
CA ASP B 72 9.20 2.91 35.05
C ASP B 72 9.08 3.45 36.48
N GLU B 73 8.02 4.23 36.73
CA GLU B 73 7.73 4.78 38.04
CA GLU B 73 7.73 4.78 38.04
C GLU B 73 6.36 4.31 38.54
N GLN B 74 5.94 3.13 38.13
CA GLN B 74 4.65 2.61 38.55
C GLN B 74 4.65 2.23 40.04
N PHE B 75 5.73 1.62 40.53
CA PHE B 75 5.84 1.21 41.93
C PHE B 75 7.23 1.57 42.44
N PRO B 76 7.43 2.82 42.83
CA PRO B 76 8.78 3.25 43.21
C PRO B 76 9.27 2.52 44.45
N GLY B 77 10.56 2.17 44.44
CA GLY B 77 11.15 1.44 45.53
C GLY B 77 10.88 -0.04 45.55
N PHE B 78 9.91 -0.53 44.76
CA PHE B 78 9.56 -1.94 44.74
C PHE B 78 10.56 -2.70 43.88
N SER B 79 11.30 -3.63 44.50
CA SER B 79 12.39 -4.32 43.78
C SER B 79 11.87 -5.10 42.59
N GLY B 80 10.64 -5.64 42.68
CA GLY B 80 10.13 -6.45 41.60
C GLY B 80 10.10 -5.73 40.26
N SER B 81 9.96 -4.40 40.29
CA SER B 81 9.95 -3.62 39.07
C SER B 81 11.20 -2.77 38.91
N GLU B 82 11.79 -2.31 40.01
CA GLU B 82 12.97 -1.45 39.93
C GLU B 82 14.20 -2.22 39.43
N MET B 83 14.22 -3.55 39.60
CA MET B 83 15.34 -4.37 39.11
C MET B 83 15.46 -4.34 37.59
N TRP B 84 14.44 -3.85 36.87
CA TRP B 84 14.49 -3.71 35.42
C TRP B 84 14.86 -2.31 34.95
N ASN B 85 14.85 -1.33 35.86
CA ASN B 85 15.13 0.05 35.52
C ASN B 85 16.64 0.29 35.41
N PRO B 86 17.05 1.33 34.69
CA PRO B 86 18.48 1.69 34.66
C PRO B 86 19.05 1.84 36.05
N ASN B 87 20.23 1.26 36.26
CA ASN B 87 20.97 1.39 37.52
C ASN B 87 22.25 2.18 37.36
N ARG B 88 22.41 2.81 36.21
CA ARG B 88 23.51 3.73 35.94
CA ARG B 88 23.51 3.69 35.85
C ARG B 88 22.92 4.99 35.33
N GLU B 89 23.77 5.96 35.04
CA GLU B 89 23.22 7.18 34.46
C GLU B 89 22.75 6.91 33.03
N MET B 90 21.81 7.73 32.57
CA MET B 90 21.29 7.66 31.21
C MET B 90 21.99 8.69 30.34
N SER B 91 22.32 8.30 29.11
CA SER B 91 23.08 9.13 28.19
C SER B 91 22.96 8.52 26.80
N GLU B 92 22.93 9.38 25.78
CA GLU B 92 23.02 8.92 24.40
C GLU B 92 24.36 8.23 24.10
N ASP B 93 25.41 8.57 24.85
CA ASP B 93 26.71 7.90 24.76
C ASP B 93 26.61 6.61 25.56
N CYS B 94 26.09 5.57 24.91
CA CYS B 94 25.75 4.35 25.62
C CYS B 94 26.11 3.06 24.90
N LEU B 95 26.75 3.13 23.72
CA LEU B 95 27.02 1.93 22.93
C LEU B 95 28.31 1.27 23.43
N TYR B 96 28.16 0.46 24.47
CA TYR B 96 29.27 -0.24 25.08
C TYR B 96 28.89 -1.70 25.31
N LEU B 97 29.91 -2.55 25.44
CA LEU B 97 29.71 -3.96 25.71
C LEU B 97 30.56 -4.39 26.90
N ASN B 98 30.08 -5.41 27.60
CA ASN B 98 30.73 -5.98 28.78
C ASN B 98 31.19 -7.41 28.51
N ILE B 99 32.29 -7.81 29.14
CA ILE B 99 32.85 -9.15 28.94
C ILE B 99 33.19 -9.77 30.28
N TRP B 100 32.90 -11.07 30.42
CA TRP B 100 33.31 -11.88 31.57
C TRP B 100 34.13 -13.05 31.04
N VAL B 101 35.36 -13.19 31.54
CA VAL B 101 36.31 -14.18 31.04
C VAL B 101 36.75 -15.04 32.20
N PRO B 102 36.68 -16.38 32.10
CA PRO B 102 37.19 -17.23 33.18
C PRO B 102 38.67 -17.00 33.42
N SER B 103 39.11 -17.31 34.64
CA SER B 103 40.50 -17.13 35.05
C SER B 103 41.04 -18.44 35.64
N PRO B 104 42.15 -18.94 35.07
CA PRO B 104 42.97 -18.37 33.99
C PRO B 104 42.29 -18.41 32.61
N ARG B 105 42.77 -17.56 31.72
CA ARG B 105 42.12 -17.32 30.44
C ARG B 105 42.09 -18.60 29.61
N PRO B 106 40.92 -19.08 29.20
CA PRO B 106 40.87 -20.18 28.24
C PRO B 106 41.44 -19.78 26.88
N LYS B 107 41.77 -20.81 26.11
CA LYS B 107 42.18 -20.70 24.71
C LYS B 107 40.98 -21.02 23.83
N SER B 108 40.55 -20.08 22.99
CA SER B 108 39.40 -20.26 22.10
C SER B 108 38.27 -21.11 22.70
N THR B 109 37.50 -20.55 23.64
CA THR B 109 36.35 -21.24 24.22
C THR B 109 35.05 -20.63 23.66
N THR B 110 33.93 -21.19 24.10
CA THR B 110 32.60 -20.80 23.62
C THR B 110 32.18 -19.41 24.11
N VAL B 111 31.54 -18.65 23.23
CA VAL B 111 31.11 -17.28 23.49
C VAL B 111 29.59 -17.22 23.44
N MET B 112 28.98 -16.69 24.51
CA MET B 112 27.56 -16.39 24.53
C MET B 112 27.39 -14.88 24.64
N VAL B 113 26.63 -14.31 23.73
CA VAL B 113 26.37 -12.87 23.66
C VAL B 113 24.91 -12.62 24.04
N TRP B 114 24.69 -11.79 25.06
CA TRP B 114 23.37 -11.50 25.59
C TRP B 114 22.81 -10.21 25.00
N ILE B 115 21.52 -10.22 24.66
CA ILE B 115 20.82 -9.06 24.10
C ILE B 115 19.60 -8.80 24.96
N TYR B 116 19.62 -7.69 25.73
CA TYR B 116 18.53 -7.42 26.66
C TYR B 116 17.24 -7.10 25.93
N GLY B 117 16.13 -7.45 26.59
CA GLY B 117 14.80 -7.11 26.12
C GLY B 117 14.34 -5.79 26.71
N GLY B 118 13.02 -5.59 26.69
CA GLY B 118 12.46 -4.34 27.14
C GLY B 118 11.56 -3.68 26.11
N GLY B 119 11.02 -4.48 25.19
CA GLY B 119 10.04 -4.00 24.24
C GLY B 119 10.54 -2.97 23.23
N PHE B 120 11.86 -2.88 23.04
CA PHE B 120 12.53 -1.92 22.17
C PHE B 120 12.41 -0.48 22.62
N TYR B 121 11.91 -0.23 23.84
CA TYR B 121 11.90 1.12 24.37
C TYR B 121 12.71 1.26 25.64
N SER B 122 13.13 0.15 26.25
CA SER B 122 13.87 0.18 27.51
C SER B 122 14.89 -0.95 27.48
N GLY B 123 15.69 -1.03 28.55
CA GLY B 123 16.69 -2.08 28.68
C GLY B 123 18.08 -1.57 28.98
N SER B 124 18.85 -2.38 29.71
CA SER B 124 20.22 -2.06 30.10
C SER B 124 21.04 -3.35 30.21
N SER B 125 22.31 -3.29 29.81
CA SER B 125 23.22 -4.43 29.97
C SER B 125 23.70 -4.60 31.40
N THR B 126 23.42 -3.64 32.28
CA THR B 126 24.11 -3.50 33.55
C THR B 126 23.26 -3.93 34.74
N LEU B 127 22.06 -4.47 34.49
CA LEU B 127 21.18 -4.88 35.56
C LEU B 127 21.81 -5.99 36.38
N ASP B 128 21.47 -6.03 37.67
CA ASP B 128 21.97 -7.07 38.55
C ASP B 128 21.65 -8.46 38.02
N VAL B 129 20.50 -8.60 37.34
CA VAL B 129 20.07 -9.91 36.90
C VAL B 129 20.81 -10.37 35.65
N TYR B 130 21.41 -9.45 34.87
CA TYR B 130 22.29 -9.82 33.76
C TYR B 130 23.76 -9.87 34.18
N ASN B 131 24.03 -10.00 35.48
CA ASN B 131 25.41 -10.14 35.94
C ASN B 131 26.05 -11.39 35.32
N GLY B 132 26.93 -11.20 34.36
CA GLY B 132 27.47 -12.33 33.64
C GLY B 132 28.49 -13.17 34.37
N LYS B 133 28.87 -12.81 35.59
CA LYS B 133 29.99 -13.49 36.22
C LYS B 133 29.65 -14.93 36.58
N TYR B 134 28.39 -15.22 36.91
CA TYR B 134 28.06 -16.55 37.41
C TYR B 134 28.09 -17.58 36.28
N LEU B 135 27.45 -17.27 35.15
CA LEU B 135 27.40 -18.23 34.05
C LEU B 135 28.79 -18.47 33.47
N ALA B 136 29.57 -17.42 33.32
CA ALA B 136 30.93 -17.57 32.78
C ALA B 136 31.79 -18.44 33.68
N TYR B 137 31.73 -18.24 35.00
CA TYR B 137 32.53 -19.02 35.93
C TYR B 137 32.05 -20.46 36.00
N THR B 138 30.73 -20.67 36.09
CA THR B 138 30.23 -22.03 36.31
C THR B 138 30.38 -22.89 35.07
N GLU B 139 30.14 -22.33 33.89
CA GLU B 139 30.16 -23.10 32.65
C GLU B 139 31.43 -22.88 31.83
N GLU B 140 32.36 -22.06 32.33
CA GLU B 140 33.63 -21.80 31.65
C GLU B 140 33.41 -21.36 30.21
N VAL B 141 32.62 -20.31 30.03
CA VAL B 141 32.40 -19.69 28.73
C VAL B 141 32.74 -18.22 28.85
N VAL B 142 32.98 -17.59 27.71
CA VAL B 142 33.23 -16.15 27.65
C VAL B 142 31.88 -15.48 27.42
N LEU B 143 31.43 -14.70 28.41
CA LEU B 143 30.08 -14.12 28.38
C LEU B 143 30.15 -12.64 28.04
N VAL B 144 29.56 -12.27 26.91
CA VAL B 144 29.44 -10.90 26.45
C VAL B 144 28.00 -10.43 26.57
N SER B 145 27.81 -9.16 26.95
CA SER B 145 26.52 -8.49 26.87
C SER B 145 26.70 -7.16 26.16
N LEU B 146 25.92 -6.93 25.10
CA LEU B 146 26.01 -5.71 24.31
C LEU B 146 24.94 -4.72 24.78
N SER B 147 24.82 -3.62 24.03
CA SER B 147 23.78 -2.62 24.24
C SER B 147 23.30 -2.15 22.88
N TYR B 148 22.21 -1.39 22.88
CA TYR B 148 21.69 -0.81 21.64
C TYR B 148 20.69 0.28 21.99
N ARG B 149 20.58 1.27 21.10
CA ARG B 149 19.65 2.36 21.28
C ARG B 149 18.21 1.86 21.25
N VAL B 150 17.41 2.34 22.20
CA VAL B 150 16.00 1.99 22.30
C VAL B 150 15.16 3.22 22.01
N GLY B 151 13.85 3.02 21.95
CA GLY B 151 12.87 4.07 21.71
C GLY B 151 13.13 4.76 20.39
N ALA B 152 12.73 6.03 20.32
CA ALA B 152 12.93 6.80 19.09
C ALA B 152 14.40 6.87 18.70
N PHE B 153 15.30 6.88 19.69
CA PHE B 153 16.73 7.02 19.41
C PHE B 153 17.26 5.84 18.60
N GLY B 154 16.61 4.68 18.71
CA GLY B 154 17.06 3.51 17.99
C GLY B 154 16.18 3.09 16.83
N PHE B 155 14.94 3.59 16.77
CA PHE B 155 13.97 3.01 15.85
C PHE B 155 13.03 4.04 15.24
N LEU B 156 13.44 5.29 15.14
CA LEU B 156 12.71 6.25 14.33
C LEU B 156 12.88 5.88 12.86
N ALA B 157 11.78 5.62 12.16
CA ALA B 157 11.83 5.11 10.79
C ALA B 157 11.19 6.12 9.84
N LEU B 158 12.03 6.76 9.02
CA LEU B 158 11.60 7.63 7.94
C LEU B 158 12.18 7.06 6.65
N HIS B 159 11.54 6.01 6.14
CA HIS B 159 12.14 5.22 5.07
C HIS B 159 12.34 6.06 3.82
N GLY B 160 13.50 5.89 3.19
CA GLY B 160 13.93 6.74 2.10
C GLY B 160 14.98 7.75 2.54
N SER B 161 14.83 8.28 3.75
CA SER B 161 15.83 9.17 4.32
C SER B 161 17.05 8.38 4.76
N GLN B 162 18.24 8.93 4.56
CA GLN B 162 19.42 8.27 5.08
C GLN B 162 19.89 8.89 6.38
N GLU B 163 19.29 10.02 6.78
CA GLU B 163 19.54 10.61 8.10
C GLU B 163 18.79 9.91 9.21
N ALA B 164 17.59 9.37 8.95
CA ALA B 164 16.86 8.55 9.90
C ALA B 164 16.24 7.37 9.19
N PRO B 165 17.00 6.29 9.01
CA PRO B 165 16.51 5.20 8.15
C PRO B 165 15.62 4.21 8.87
N GLY B 166 15.94 3.91 10.12
CA GLY B 166 15.27 2.86 10.83
C GLY B 166 16.20 1.70 11.14
N ASN B 167 15.83 0.92 12.16
CA ASN B 167 16.54 -0.30 12.54
C ASN B 167 17.99 -0.04 12.95
N VAL B 168 18.32 1.20 13.34
CA VAL B 168 19.70 1.48 13.68
C VAL B 168 20.08 0.80 15.00
N GLY B 169 19.09 0.54 15.87
CA GLY B 169 19.36 -0.23 17.07
C GLY B 169 19.63 -1.70 16.79
N LEU B 170 19.00 -2.26 15.75
CA LEU B 170 19.41 -3.57 15.28
C LEU B 170 20.82 -3.53 14.69
N LEU B 171 21.17 -2.42 14.02
CA LEU B 171 22.53 -2.24 13.50
C LEU B 171 23.54 -1.98 14.62
N ASP B 172 23.15 -1.28 15.68
CA ASP B 172 24.00 -1.22 16.88
C ASP B 172 24.38 -2.63 17.32
N GLN B 173 23.37 -3.49 17.50
CA GLN B 173 23.58 -4.89 17.83
C GLN B 173 24.54 -5.56 16.85
N ARG B 174 24.34 -5.33 15.55
CA ARG B 174 25.18 -5.96 14.53
C ARG B 174 26.63 -5.53 14.63
N MET B 175 26.88 -4.27 15.01
CA MET B 175 28.24 -3.78 15.15
C MET B 175 28.92 -4.33 16.39
N ALA B 176 28.16 -4.54 17.47
CA ALA B 176 28.73 -5.22 18.62
C ALA B 176 29.02 -6.68 18.30
N LEU B 177 28.20 -7.30 17.45
CA LEU B 177 28.50 -8.66 17.02
C LEU B 177 29.72 -8.67 16.11
N GLN B 178 29.84 -7.66 15.25
CA GLN B 178 31.02 -7.54 14.42
C GLN B 178 32.27 -7.30 15.27
N TRP B 179 32.18 -6.46 16.30
CA TRP B 179 33.32 -6.26 17.19
C TRP B 179 33.75 -7.58 17.81
N VAL B 180 32.78 -8.33 18.34
CA VAL B 180 33.08 -9.63 18.94
C VAL B 180 33.72 -10.55 17.91
N HIS B 181 33.23 -10.49 16.67
CA HIS B 181 33.82 -11.33 15.63
C HIS B 181 35.27 -10.98 15.38
N ASP B 182 35.65 -9.73 15.62
CA ASP B 182 37.00 -9.26 15.31
C ASP B 182 37.95 -9.30 16.50
N ASN B 183 37.43 -9.36 17.72
CA ASN B 183 38.26 -9.15 18.91
C ASN B 183 38.11 -10.21 19.99
N ILE B 184 37.10 -11.08 19.95
CA ILE B 184 36.89 -11.99 21.06
C ILE B 184 38.04 -12.99 21.17
N GLN B 185 38.77 -13.25 20.07
CA GLN B 185 39.88 -14.19 20.12
C GLN B 185 40.98 -13.72 21.07
N PHE B 186 41.12 -12.40 21.26
CA PHE B 186 42.10 -11.85 22.20
C PHE B 186 41.69 -12.02 23.66
N PHE B 187 40.46 -12.46 23.92
CA PHE B 187 39.99 -12.72 25.28
C PHE B 187 39.80 -14.21 25.56
N GLY B 188 40.16 -15.06 24.62
CA GLY B 188 39.97 -16.49 24.76
C GLY B 188 38.72 -17.01 24.09
N GLY B 189 37.97 -16.15 23.43
CA GLY B 189 36.75 -16.59 22.77
C GLY B 189 37.02 -17.07 21.36
N ASP B 190 36.16 -17.99 20.90
CA ASP B 190 36.24 -18.57 19.56
C ASP B 190 35.19 -17.88 18.69
N PRO B 191 35.55 -16.93 17.84
CA PRO B 191 34.55 -16.24 17.00
C PRO B 191 33.69 -17.17 16.14
N LYS B 192 34.06 -18.43 16.02
CA LYS B 192 33.35 -19.42 15.22
C LYS B 192 32.39 -20.25 16.06
N THR B 193 32.29 -19.97 17.35
CA THR B 193 31.37 -20.65 18.24
C THR B 193 30.70 -19.57 19.11
N VAL B 194 30.01 -18.65 18.44
CA VAL B 194 29.28 -17.57 19.09
C VAL B 194 27.80 -17.93 19.11
N THR B 195 27.17 -17.78 20.28
CA THR B 195 25.73 -17.95 20.45
C THR B 195 25.15 -16.62 20.90
N ILE B 196 24.25 -16.05 20.10
CA ILE B 196 23.48 -14.88 20.52
C ILE B 196 22.23 -15.35 21.24
N PHE B 197 21.92 -14.71 22.37
CA PHE B 197 20.71 -15.09 23.08
C PHE B 197 20.15 -13.88 23.80
N GLY B 198 18.81 -13.81 23.81
CA GLY B 198 18.13 -12.71 24.47
C GLY B 198 16.70 -13.09 24.79
N GLU B 199 16.13 -12.33 25.73
CA GLU B 199 14.77 -12.51 26.20
C GLU B 199 13.91 -11.35 25.70
N SER B 200 12.64 -11.65 25.46
N SER B 200 12.64 -11.66 25.43
CA SER B 200 11.66 -10.66 24.99
CA SER B 200 11.64 -10.66 25.06
C SER B 200 12.14 -9.99 23.71
C SER B 200 12.08 -9.98 23.76
N ALA B 201 12.27 -8.65 23.73
CA ALA B 201 12.72 -7.95 22.55
C ALA B 201 14.12 -8.40 22.15
N GLY B 202 14.88 -8.95 23.10
CA GLY B 202 16.13 -9.61 22.75
C GLY B 202 15.92 -10.88 21.96
N GLY B 203 14.99 -11.72 22.42
CA GLY B 203 14.64 -12.91 21.66
C GLY B 203 14.12 -12.57 20.27
N ALA B 204 13.33 -11.51 20.17
CA ALA B 204 12.88 -11.08 18.85
C ALA B 204 14.05 -10.57 18.02
N SER B 205 14.99 -9.87 18.66
CA SER B 205 16.19 -9.39 17.98
C SER B 205 17.00 -10.56 17.45
N VAL B 206 17.29 -11.53 18.32
CA VAL B 206 17.99 -12.75 17.94
C VAL B 206 17.38 -13.34 16.67
N GLY B 207 16.07 -13.56 16.68
CA GLY B 207 15.41 -14.10 15.50
C GLY B 207 15.61 -13.24 14.28
N MET B 208 15.61 -11.92 14.46
CA MET B 208 15.78 -11.02 13.32
C MET B 208 17.18 -11.14 12.71
N HIS B 209 18.22 -11.38 13.53
CA HIS B 209 19.55 -11.62 12.98
C HIS B 209 19.61 -12.94 12.22
N ILE B 210 18.90 -13.96 12.69
CA ILE B 210 18.74 -15.17 11.89
C ILE B 210 18.20 -14.85 10.52
N LEU B 211 17.27 -13.89 10.45
CA LEU B 211 16.59 -13.59 9.20
C LEU B 211 17.38 -12.63 8.33
N SER B 212 18.07 -11.66 8.95
CA SER B 212 18.71 -10.62 8.17
C SER B 212 19.98 -11.15 7.50
N PRO B 213 20.11 -11.03 6.18
CA PRO B 213 21.32 -11.54 5.51
C PRO B 213 22.59 -10.84 5.95
N GLY B 214 22.51 -9.55 6.32
CA GLY B 214 23.68 -8.82 6.79
C GLY B 214 24.18 -9.23 8.16
N SER B 215 23.37 -9.97 8.92
CA SER B 215 23.74 -10.41 10.26
C SER B 215 24.16 -11.87 10.33
N ARG B 216 23.89 -12.66 9.28
CA ARG B 216 23.94 -14.12 9.40
C ARG B 216 25.34 -14.65 9.65
N ASP B 217 26.37 -13.98 9.14
CA ASP B 217 27.73 -14.50 9.26
C ASP B 217 28.41 -14.09 10.57
N LEU B 218 27.68 -13.44 11.48
CA LEU B 218 28.27 -12.90 12.68
C LEU B 218 28.03 -13.75 13.92
N PHE B 219 27.38 -14.91 13.79
CA PHE B 219 27.10 -15.76 14.93
C PHE B 219 26.84 -17.18 14.43
N ARG B 220 26.96 -18.15 15.35
CA ARG B 220 26.86 -19.56 15.02
C ARG B 220 25.45 -20.12 15.25
N ARG B 221 24.96 -20.07 16.48
CA ARG B 221 23.63 -20.57 16.82
C ARG B 221 22.90 -19.54 17.68
N ALA B 222 21.68 -19.88 18.14
CA ALA B 222 20.76 -18.89 18.68
C ALA B 222 19.85 -19.46 19.75
N ILE B 223 19.69 -18.70 20.84
CA ILE B 223 18.74 -19.00 21.91
C ILE B 223 17.77 -17.84 22.05
N LEU B 224 16.47 -18.13 22.02
CA LEU B 224 15.40 -17.12 22.08
C LEU B 224 14.50 -17.41 23.28
N GLN B 225 14.36 -16.43 24.17
CA GLN B 225 13.56 -16.61 25.39
C GLN B 225 12.38 -15.64 25.36
N SER B 226 11.16 -16.20 25.28
CA SER B 226 9.92 -15.43 25.37
C SER B 226 9.90 -14.26 24.37
N GLY B 227 10.29 -14.55 23.13
CA GLY B 227 10.26 -13.57 22.06
C GLY B 227 10.63 -14.23 20.75
N SER B 228 10.16 -13.68 19.63
CA SER B 228 10.55 -14.15 18.30
C SER B 228 10.24 -13.04 17.32
N PRO B 229 10.87 -13.04 16.13
CA PRO B 229 10.80 -11.84 15.28
C PRO B 229 9.40 -11.53 14.78
N ASN B 230 8.54 -12.54 14.63
CA ASN B 230 7.21 -12.35 14.09
C ASN B 230 6.17 -11.93 15.14
N CYS B 231 6.58 -11.57 16.35
CA CYS B 231 5.63 -11.12 17.36
C CYS B 231 4.91 -9.86 16.88
N PRO B 232 3.63 -9.68 17.26
CA PRO B 232 2.88 -8.52 16.75
C PRO B 232 3.40 -7.18 17.24
N TRP B 233 4.14 -7.15 18.34
CA TRP B 233 4.66 -5.91 18.85
C TRP B 233 6.06 -5.58 18.34
N ALA B 234 6.69 -6.49 17.59
CA ALA B 234 8.12 -6.37 17.27
C ALA B 234 8.40 -5.68 15.94
N SER B 235 7.39 -5.34 15.16
CA SER B 235 7.64 -4.78 13.83
C SER B 235 6.46 -3.94 13.40
N VAL B 236 6.74 -3.02 12.46
CA VAL B 236 5.76 -2.14 11.84
C VAL B 236 6.13 -1.96 10.38
N SER B 237 5.14 -1.60 9.58
CA SER B 237 5.40 -1.29 8.18
C SER B 237 6.14 0.04 8.07
N VAL B 238 6.70 0.31 6.88
CA VAL B 238 7.35 1.59 6.68
C VAL B 238 6.32 2.71 6.79
N ALA B 239 5.09 2.44 6.37
CA ALA B 239 4.05 3.46 6.46
C ALA B 239 3.70 3.77 7.91
N GLU B 240 3.38 2.73 8.69
CA GLU B 240 3.07 2.95 10.10
C GLU B 240 4.24 3.62 10.82
N GLY B 241 5.47 3.17 10.55
CA GLY B 241 6.63 3.81 11.14
C GLY B 241 6.76 5.27 10.75
N ARG B 242 6.45 5.59 9.49
CA ARG B 242 6.46 7.00 9.07
C ARG B 242 5.38 7.80 9.78
N ARG B 243 4.18 7.23 9.89
CA ARG B 243 3.07 7.92 10.54
C ARG B 243 3.43 8.27 11.98
N ARG B 244 4.13 7.37 12.68
CA ARG B 244 4.49 7.65 14.07
C ARG B 244 5.60 8.69 14.16
N ALA B 245 6.61 8.60 13.28
CA ALA B 245 7.71 9.56 13.31
C ALA B 245 7.20 10.98 13.14
N VAL B 246 6.29 11.16 12.18
CA VAL B 246 5.67 12.47 11.95
C VAL B 246 4.84 12.87 13.18
N GLU B 247 4.04 11.94 13.69
CA GLU B 247 3.21 12.28 14.83
C GLU B 247 4.04 12.60 16.06
N LEU B 248 5.28 12.11 16.14
CA LEU B 248 6.20 12.55 17.19
C LEU B 248 6.59 14.01 16.99
N GLY B 249 6.88 14.40 15.76
CA GLY B 249 7.16 15.81 15.48
C GLY B 249 5.96 16.69 15.71
N ARG B 250 4.77 16.20 15.37
CA ARG B 250 3.57 17.00 15.56
C ARG B 250 3.36 17.30 17.04
N ASN B 251 3.76 16.36 17.90
CA ASN B 251 3.62 16.53 19.34
C ASN B 251 4.64 17.49 19.93
N LEU B 252 5.76 17.74 19.24
CA LEU B 252 6.75 18.71 19.68
C LEU B 252 6.71 19.98 18.85
N ASN B 253 5.58 20.25 18.18
CA ASN B 253 5.40 21.38 17.28
C ASN B 253 6.61 21.56 16.37
N CYS B 254 7.00 20.46 15.74
CA CYS B 254 8.05 20.45 14.74
C CYS B 254 7.49 20.82 13.37
N ASN B 255 8.35 21.39 12.53
CA ASN B 255 8.07 21.48 11.11
C ASN B 255 7.87 20.07 10.55
N LEU B 256 6.86 19.91 9.68
CA LEU B 256 6.59 18.59 9.08
C LEU B 256 6.60 18.62 7.56
N ASN B 257 7.21 19.64 6.95
CA ASN B 257 7.16 19.74 5.48
C ASN B 257 8.09 18.76 4.78
N SER B 258 9.20 18.38 5.40
CA SER B 258 10.07 17.40 4.79
C SER B 258 10.79 16.61 5.87
N ASP B 259 11.30 15.44 5.46
CA ASP B 259 12.03 14.58 6.38
C ASP B 259 13.23 15.30 6.98
N GLU B 260 13.91 16.11 6.18
CA GLU B 260 15.11 16.77 6.70
C GLU B 260 14.75 17.83 7.74
N GLU B 261 13.59 18.46 7.62
CA GLU B 261 13.24 19.44 8.64
C GLU B 261 12.62 18.78 9.86
N LEU B 262 11.92 17.66 9.67
CA LEU B 262 11.47 16.88 10.81
C LEU B 262 12.64 16.32 11.60
N ILE B 263 13.63 15.76 10.89
CA ILE B 263 14.79 15.18 11.56
C ILE B 263 15.62 16.28 12.22
N HIS B 264 15.85 17.39 11.52
CA HIS B 264 16.58 18.53 12.10
C HIS B 264 15.92 19.01 13.38
N CYS B 265 14.59 19.08 13.38
CA CYS B 265 13.86 19.50 14.56
C CYS B 265 14.07 18.54 15.72
N LEU B 266 14.02 17.23 15.45
CA LEU B 266 14.05 16.26 16.54
C LEU B 266 15.45 16.07 17.12
N ARG B 267 16.49 16.54 16.43
CA ARG B 267 17.82 16.48 17.00
C ARG B 267 18.16 17.69 17.86
N GLU B 268 17.29 18.71 17.88
CA GLU B 268 17.49 19.83 18.79
C GLU B 268 16.74 19.67 20.10
N LYS B 269 15.88 18.67 20.21
CA LYS B 269 15.20 18.40 21.46
C LYS B 269 16.10 17.56 22.36
N LYS B 270 16.04 17.85 23.67
CA LYS B 270 16.75 17.03 24.64
C LYS B 270 16.14 15.64 24.68
N PRO B 271 16.93 14.62 25.05
CA PRO B 271 16.41 13.24 25.02
C PRO B 271 15.10 13.03 25.76
N GLN B 272 14.98 13.60 26.96
CA GLN B 272 13.78 13.40 27.76
C GLN B 272 12.56 14.06 27.13
N GLU B 273 12.75 15.10 26.31
CA GLU B 273 11.62 15.64 25.55
C GLU B 273 10.97 14.56 24.72
N LEU B 274 11.79 13.84 23.94
CA LEU B 274 11.28 12.78 23.08
C LEU B 274 10.63 11.69 23.92
N ILE B 275 11.30 11.25 24.98
CA ILE B 275 10.74 10.24 25.87
C ILE B 275 9.39 10.68 26.43
N ASP B 276 9.24 11.97 26.74
CA ASP B 276 7.99 12.42 27.35
C ASP B 276 6.81 12.25 26.41
N VAL B 277 7.01 12.50 25.11
CA VAL B 277 5.94 12.37 24.13
C VAL B 277 5.88 10.99 23.48
N GLU B 278 6.78 10.08 23.84
CA GLU B 278 6.96 8.86 23.07
C GLU B 278 5.67 8.06 22.95
N TRP B 279 4.94 7.90 24.05
CA TRP B 279 3.79 7.01 24.02
C TRP B 279 2.60 7.58 23.23
N ASN B 280 2.66 8.83 22.80
CA ASN B 280 1.49 9.47 22.20
C ASN B 280 1.31 9.15 20.73
N VAL B 281 2.20 8.36 20.13
CA VAL B 281 2.11 8.07 18.69
C VAL B 281 1.56 6.69 18.42
N LEU B 282 1.24 5.92 19.45
CA LEU B 282 0.62 4.62 19.25
C LEU B 282 -0.74 4.80 18.57
N PRO B 283 -1.06 3.97 17.57
CA PRO B 283 -2.35 4.09 16.88
C PRO B 283 -3.55 3.84 17.78
N PHE B 284 -3.43 2.98 18.79
CA PHE B 284 -4.55 2.62 19.64
C PHE B 284 -4.18 2.75 21.11
N ASP B 285 -5.21 2.80 21.94
CA ASP B 285 -5.06 2.44 23.35
C ASP B 285 -4.78 0.95 23.42
N SER B 286 -3.73 0.57 24.13
CA SER B 286 -3.25 -0.79 23.98
C SER B 286 -2.40 -1.20 25.17
N ILE B 287 -2.22 -2.50 25.31
CA ILE B 287 -1.19 -3.08 26.15
C ILE B 287 -0.38 -4.04 25.30
N PHE B 288 0.91 -4.17 25.63
CA PHE B 288 1.87 -4.94 24.84
C PHE B 288 2.02 -4.38 23.42
N ARG B 289 2.10 -3.05 23.34
CA ARG B 289 2.48 -2.35 22.11
C ARG B 289 3.45 -1.25 22.49
N PHE B 290 4.42 -1.00 21.60
CA PHE B 290 5.49 -0.06 21.84
C PHE B 290 5.66 0.84 20.61
N SER B 291 6.14 2.07 20.84
CA SER B 291 6.03 3.12 19.84
C SER B 291 7.04 2.97 18.70
N PHE B 292 8.30 2.74 19.04
CA PHE B 292 9.35 2.74 18.04
C PHE B 292 10.03 1.39 18.03
N VAL B 293 9.78 0.62 16.97
CA VAL B 293 10.19 -0.78 16.84
C VAL B 293 10.83 -0.98 15.47
N PRO B 294 11.50 -2.11 15.24
CA PRO B 294 12.03 -2.40 13.90
C PRO B 294 10.97 -2.29 12.80
N VAL B 295 11.44 -1.97 11.59
CA VAL B 295 10.57 -1.71 10.44
C VAL B 295 10.93 -2.69 9.33
N ILE B 296 9.91 -3.15 8.59
CA ILE B 296 10.12 -4.05 7.46
C ILE B 296 10.49 -3.22 6.25
N ASP B 297 11.80 -3.05 6.02
CA ASP B 297 12.30 -2.01 5.13
C ASP B 297 12.78 -2.51 3.78
N GLY B 298 13.11 -3.79 3.63
CA GLY B 298 13.70 -4.24 2.39
C GLY B 298 15.21 -4.19 2.35
N GLU B 299 15.87 -3.78 3.43
CA GLU B 299 17.32 -3.86 3.54
C GLU B 299 17.74 -4.78 4.69
N PHE B 300 17.45 -4.42 5.94
CA PHE B 300 17.68 -5.36 7.03
C PHE B 300 16.84 -6.61 6.83
N PHE B 301 15.58 -6.44 6.45
CA PHE B 301 14.70 -7.55 6.08
C PHE B 301 14.34 -7.42 4.62
N PRO B 302 14.90 -8.25 3.72
CA PRO B 302 14.62 -8.09 2.28
C PRO B 302 13.14 -8.20 1.88
N THR B 303 12.37 -9.08 2.52
CA THR B 303 10.93 -9.14 2.27
C THR B 303 10.21 -9.29 3.61
N SER B 304 8.90 -9.51 3.55
CA SER B 304 8.10 -9.66 4.76
C SER B 304 8.57 -10.87 5.58
N LEU B 305 8.34 -10.80 6.88
CA LEU B 305 8.81 -11.86 7.75
C LEU B 305 8.20 -13.20 7.37
N GLU B 306 6.93 -13.21 6.95
CA GLU B 306 6.28 -14.48 6.61
C GLU B 306 6.86 -15.07 5.32
N SER B 307 7.09 -14.25 4.30
CA SER B 307 7.62 -14.77 3.03
C SER B 307 9.03 -15.33 3.22
N MET B 308 9.83 -14.70 4.08
CA MET B 308 11.14 -15.26 4.38
C MET B 308 11.02 -16.65 5.01
N LEU B 309 10.12 -16.79 5.98
CA LEU B 309 9.95 -18.08 6.67
C LEU B 309 9.38 -19.14 5.74
N ASN B 310 8.34 -18.79 4.97
CA ASN B 310 7.78 -19.75 4.03
C ASN B 310 8.84 -20.27 3.07
N SER B 311 9.70 -19.38 2.57
CA SER B 311 10.67 -19.74 1.54
C SER B 311 11.97 -20.27 2.09
N GLY B 312 12.19 -20.22 3.40
CA GLY B 312 13.44 -20.69 3.95
C GLY B 312 14.58 -19.70 3.87
N ASN B 313 14.29 -18.42 3.59
CA ASN B 313 15.32 -17.40 3.45
C ASN B 313 15.78 -16.94 4.84
N PHE B 314 16.59 -17.79 5.47
CA PHE B 314 17.20 -17.45 6.76
C PHE B 314 18.39 -18.37 7.01
N LYS B 315 19.15 -18.00 8.05
CA LYS B 315 20.28 -18.82 8.49
C LYS B 315 19.80 -20.19 8.95
N LYS B 316 20.47 -21.25 8.47
CA LYS B 316 20.14 -22.62 8.86
C LYS B 316 21.16 -23.10 9.88
N THR B 317 20.72 -23.30 11.13
CA THR B 317 21.59 -23.77 12.20
C THR B 317 20.69 -24.39 13.29
N GLN B 318 21.17 -24.39 14.54
CA GLN B 318 20.41 -24.93 15.66
C GLN B 318 19.87 -23.79 16.52
N ILE B 319 18.66 -23.97 17.06
CA ILE B 319 18.03 -22.99 17.93
C ILE B 319 17.54 -23.70 19.19
N LEU B 320 17.50 -22.93 20.28
CA LEU B 320 16.93 -23.36 21.54
C LEU B 320 16.03 -22.22 22.02
N LEU B 321 14.74 -22.52 22.23
CA LEU B 321 13.79 -21.45 22.49
C LEU B 321 12.62 -21.98 23.30
N GLY B 322 11.86 -21.06 23.88
CA GLY B 322 10.79 -21.46 24.76
C GLY B 322 10.07 -20.25 25.34
N VAL B 323 9.13 -20.53 26.25
CA VAL B 323 8.26 -19.52 26.82
C VAL B 323 8.07 -19.82 28.30
N ASN B 324 7.49 -18.85 29.00
CA ASN B 324 7.08 -18.98 30.40
C ASN B 324 5.57 -19.19 30.48
N LYS B 325 5.13 -19.70 31.64
CA LYS B 325 3.73 -20.08 31.78
C LYS B 325 2.80 -18.88 31.71
N ASP B 326 3.19 -17.75 32.31
CA ASP B 326 2.28 -16.62 32.51
C ASP B 326 2.88 -15.35 31.92
N GLU B 327 3.09 -15.36 30.60
CA GLU B 327 3.78 -14.24 29.97
C GLU B 327 3.00 -12.94 30.10
N GLY B 328 1.67 -13.00 30.13
CA GLY B 328 0.89 -11.80 29.97
C GLY B 328 0.49 -11.08 31.23
N SER B 329 0.75 -11.68 32.40
CA SER B 329 0.17 -11.19 33.65
C SER B 329 0.62 -9.77 33.96
N PHE B 330 1.93 -9.50 33.90
CA PHE B 330 2.33 -8.16 34.37
C PHE B 330 1.96 -7.07 33.39
N PHE B 331 1.70 -7.39 32.12
CA PHE B 331 1.19 -6.37 31.22
C PHE B 331 -0.24 -5.99 31.57
N LEU B 332 -1.00 -6.90 32.18
CA LEU B 332 -2.37 -6.60 32.57
C LEU B 332 -2.40 -5.79 33.87
N LEU B 333 -1.55 -6.17 34.84
CA LEU B 333 -1.39 -5.38 36.05
C LEU B 333 -1.08 -3.92 35.75
N TYR B 334 -0.13 -3.69 34.84
CA TYR B 334 0.31 -2.33 34.55
C TYR B 334 -0.71 -1.53 33.74
N GLY B 335 -1.51 -2.21 32.92
CA GLY B 335 -2.25 -1.49 31.89
C GLY B 335 -3.76 -1.61 31.84
N ALA B 336 -4.35 -2.62 32.50
CA ALA B 336 -5.80 -2.78 32.50
C ALA B 336 -6.33 -2.56 33.92
N PRO B 337 -7.15 -1.54 34.18
CA PRO B 337 -7.83 -1.47 35.47
C PRO B 337 -8.82 -2.63 35.61
N GLY B 338 -9.17 -2.90 36.87
CA GLY B 338 -9.76 -4.15 37.27
C GLY B 338 -8.76 -5.06 37.92
N PHE B 339 -7.51 -5.05 37.47
CA PHE B 339 -6.43 -5.79 38.09
C PHE B 339 -5.86 -5.09 39.31
N SER B 340 -6.41 -3.92 39.65
CA SER B 340 -6.08 -3.21 40.87
C SER B 340 -7.30 -2.91 41.73
N LYS B 341 -8.50 -3.35 41.34
CA LYS B 341 -9.72 -3.22 42.13
C LYS B 341 -9.94 -4.38 43.11
N ASP B 342 -9.03 -5.36 43.13
CA ASP B 342 -9.19 -6.56 43.94
C ASP B 342 -7.87 -6.91 44.61
N SER B 343 -7.96 -7.58 45.78
CA SER B 343 -6.76 -8.04 46.48
C SER B 343 -5.92 -8.95 45.59
N GLU B 344 -6.52 -10.05 45.14
CA GLU B 344 -6.04 -10.81 44.00
C GLU B 344 -6.39 -9.99 42.77
N SER B 345 -6.94 -10.57 41.71
CA SER B 345 -7.37 -9.69 40.63
C SER B 345 -8.56 -10.28 39.90
N LYS B 346 -9.49 -10.87 40.64
CA LYS B 346 -10.79 -11.21 40.10
C LYS B 346 -11.36 -9.99 39.39
N ILE B 347 -11.68 -10.15 38.11
CA ILE B 347 -12.19 -9.05 37.30
C ILE B 347 -13.61 -9.41 36.86
N SER B 348 -14.47 -8.39 36.81
CA SER B 348 -15.83 -8.57 36.35
C SER B 348 -15.85 -8.84 34.85
N ARG B 349 -17.01 -9.30 34.36
CA ARG B 349 -17.17 -9.58 32.93
C ARG B 349 -17.01 -8.32 32.08
N GLU B 350 -17.36 -7.16 32.63
CA GLU B 350 -17.23 -5.94 31.85
C GLU B 350 -15.76 -5.52 31.74
N ASP B 351 -14.99 -5.68 32.82
CA ASP B 351 -13.54 -5.49 32.72
C ASP B 351 -12.90 -6.47 31.74
N PHE B 352 -13.41 -7.70 31.66
CA PHE B 352 -12.87 -8.69 30.73
C PHE B 352 -13.02 -8.22 29.27
N MET B 353 -14.23 -7.83 28.88
CA MET B 353 -14.45 -7.42 27.50
C MET B 353 -13.58 -6.20 27.14
N SER B 354 -13.28 -5.34 28.12
CA SER B 354 -12.44 -4.17 27.85
C SER B 354 -10.99 -4.57 27.69
N GLY B 355 -10.50 -5.49 28.53
CA GLY B 355 -9.17 -6.03 28.34
C GLY B 355 -8.99 -6.65 26.97
N VAL B 356 -9.99 -7.41 26.52
CA VAL B 356 -9.92 -7.99 25.19
C VAL B 356 -9.78 -6.91 24.14
N LYS B 357 -10.30 -5.71 24.40
CA LYS B 357 -10.12 -4.60 23.47
C LYS B 357 -8.70 -4.03 23.54
N LEU B 358 -8.17 -3.84 24.76
CA LEU B 358 -6.81 -3.35 24.91
C LEU B 358 -5.77 -4.41 24.61
N SER B 359 -6.16 -5.70 24.56
CA SER B 359 -5.20 -6.77 24.28
C SER B 359 -5.07 -7.05 22.80
N VAL B 360 -6.14 -6.87 22.03
CA VAL B 360 -6.11 -7.11 20.59
C VAL B 360 -6.47 -5.77 19.94
N PRO B 361 -5.57 -4.79 19.98
CA PRO B 361 -5.94 -3.42 19.60
C PRO B 361 -6.29 -3.25 18.13
N HIS B 362 -6.11 -4.26 17.28
CA HIS B 362 -6.32 -4.10 15.85
C HIS B 362 -7.56 -4.84 15.35
N ALA B 363 -8.24 -5.60 16.19
CA ALA B 363 -9.35 -6.40 15.75
C ALA B 363 -10.60 -5.55 15.56
N ASN B 364 -11.40 -5.87 14.54
CA ASN B 364 -12.75 -5.36 14.43
C ASN B 364 -13.68 -6.11 15.40
N ASP B 365 -14.91 -5.59 15.53
CA ASP B 365 -15.85 -6.17 16.50
C ASP B 365 -16.10 -7.65 16.24
N LEU B 366 -15.99 -8.11 14.99
CA LEU B 366 -16.08 -9.54 14.73
C LEU B 366 -14.88 -10.29 15.30
N GLY B 367 -13.68 -9.70 15.17
CA GLY B 367 -12.50 -10.32 15.77
C GLY B 367 -12.57 -10.33 17.28
N LEU B 368 -13.10 -9.26 17.88
CA LEU B 368 -13.24 -9.21 19.34
C LEU B 368 -14.24 -10.25 19.84
N ASP B 369 -15.33 -10.48 19.10
CA ASP B 369 -16.26 -11.54 19.48
C ASP B 369 -15.59 -12.90 19.41
N ALA B 370 -14.75 -13.10 18.39
CA ALA B 370 -14.05 -14.37 18.25
C ALA B 370 -13.07 -14.59 19.40
N VAL B 371 -12.27 -13.58 19.73
CA VAL B 371 -11.39 -13.70 20.89
C VAL B 371 -12.20 -13.97 22.15
N THR B 372 -13.24 -13.16 22.39
CA THR B 372 -14.07 -13.34 23.58
C THR B 372 -14.66 -14.74 23.65
N LEU B 373 -15.23 -15.22 22.54
CA LEU B 373 -15.88 -16.51 22.55
C LEU B 373 -14.92 -17.63 22.90
N GLN B 374 -13.66 -17.51 22.48
CA GLN B 374 -12.69 -18.58 22.65
C GLN B 374 -12.18 -18.71 24.09
N TYR B 375 -12.25 -17.65 24.89
CA TYR B 375 -11.68 -17.65 26.23
C TYR B 375 -12.71 -17.53 27.35
N THR B 376 -14.00 -17.67 27.04
CA THR B 376 -15.08 -17.56 28.01
C THR B 376 -15.70 -18.93 28.30
N ASP B 377 -15.93 -19.19 29.59
CA ASP B 377 -16.70 -20.35 30.05
C ASP B 377 -18.13 -19.88 30.28
N TRP B 378 -18.97 -20.03 29.24
CA TRP B 378 -20.33 -19.50 29.29
C TRP B 378 -21.23 -20.21 30.29
N MET B 379 -20.77 -21.32 30.89
CA MET B 379 -21.45 -21.89 32.05
C MET B 379 -21.22 -21.11 33.33
N ASP B 380 -20.34 -20.11 33.31
CA ASP B 380 -19.78 -19.54 34.53
C ASP B 380 -19.10 -18.20 34.21
N ASP B 381 -19.74 -17.39 33.36
CA ASP B 381 -19.08 -16.22 32.79
C ASP B 381 -18.90 -15.07 33.79
N ASN B 382 -19.42 -15.16 35.01
CA ASN B 382 -19.20 -14.12 36.01
C ASN B 382 -18.18 -14.55 37.06
N ASN B 383 -17.39 -15.56 36.76
CA ASN B 383 -16.35 -16.05 37.67
C ASN B 383 -15.15 -15.11 37.59
N GLY B 384 -14.92 -14.35 38.66
CA GLY B 384 -13.82 -13.40 38.66
C GLY B 384 -12.48 -14.04 38.35
N ILE B 385 -12.24 -15.24 38.88
CA ILE B 385 -10.98 -15.94 38.62
C ILE B 385 -10.88 -16.36 37.15
N LYS B 386 -11.91 -17.04 36.64
CA LYS B 386 -11.90 -17.44 35.23
C LYS B 386 -11.74 -16.24 34.30
N ASN B 387 -12.37 -15.11 34.64
CA ASN B 387 -12.24 -13.94 33.79
C ASN B 387 -10.84 -13.38 33.80
N ARG B 388 -10.18 -13.38 34.98
CA ARG B 388 -8.82 -12.88 35.09
C ARG B 388 -7.85 -13.81 34.39
N ASP B 389 -7.85 -15.09 34.77
CA ASP B 389 -7.01 -16.09 34.11
C ASP B 389 -7.23 -16.09 32.60
N GLY B 390 -8.48 -15.91 32.16
CA GLY B 390 -8.75 -15.99 30.74
C GLY B 390 -8.06 -14.89 29.94
N LEU B 391 -8.24 -13.64 30.36
CA LEU B 391 -7.57 -12.54 29.70
C LEU B 391 -6.05 -12.63 29.88
N ASP B 392 -5.60 -13.21 31.00
CA ASP B 392 -4.17 -13.44 31.21
C ASP B 392 -3.59 -14.27 30.08
N ASP B 393 -4.24 -15.39 29.77
CA ASP B 393 -3.79 -16.24 28.67
C ASP B 393 -3.90 -15.53 27.33
N ILE B 394 -4.96 -14.74 27.13
CA ILE B 394 -5.11 -14.02 25.86
C ILE B 394 -3.87 -13.19 25.58
N VAL B 395 -3.35 -12.50 26.59
CA VAL B 395 -2.23 -11.59 26.40
C VAL B 395 -0.94 -12.36 26.10
N GLY B 396 -0.71 -13.46 26.83
CA GLY B 396 0.47 -14.28 26.53
C GLY B 396 0.37 -15.02 25.21
N ASP B 397 -0.77 -15.66 24.96
CA ASP B 397 -0.92 -16.46 23.74
C ASP B 397 -0.79 -15.60 22.50
N HIS B 398 -1.48 -14.46 22.47
CA HIS B 398 -1.41 -13.58 21.31
C HIS B 398 -0.02 -12.97 21.13
N ASN B 399 0.65 -12.59 22.22
CA ASN B 399 1.85 -11.76 22.09
C ASN B 399 3.14 -12.55 22.12
N VAL B 400 3.16 -13.70 22.78
CA VAL B 400 4.40 -14.42 23.00
C VAL B 400 4.30 -15.85 22.47
N ILE B 401 3.48 -16.67 23.13
CA ILE B 401 3.52 -18.11 22.92
C ILE B 401 3.19 -18.48 21.47
N CYS B 402 2.11 -17.92 20.93
CA CYS B 402 1.71 -18.38 19.60
C CYS B 402 2.53 -17.75 18.48
N PRO B 403 3.00 -16.49 18.62
CA PRO B 403 4.01 -16.03 17.65
C PRO B 403 5.24 -16.90 17.66
N LEU B 404 5.69 -17.35 18.83
CA LEU B 404 6.86 -18.21 18.90
C LEU B 404 6.59 -19.56 18.26
N MET B 405 5.43 -20.17 18.53
CA MET B 405 5.15 -21.50 17.96
C MET B 405 5.03 -21.42 16.45
N HIS B 406 4.47 -20.34 15.92
CA HIS B 406 4.52 -20.15 14.47
C HIS B 406 5.97 -20.13 13.99
N PHE B 407 6.85 -19.44 14.72
CA PHE B 407 8.24 -19.34 14.30
C PHE B 407 8.95 -20.69 14.43
N VAL B 408 8.66 -21.44 15.49
CA VAL B 408 9.35 -22.72 15.67
C VAL B 408 8.89 -23.74 14.63
N ASN B 409 7.65 -23.60 14.14
CA ASN B 409 7.18 -24.57 13.15
CA ASN B 409 7.12 -24.52 13.13
C ASN B 409 7.73 -24.22 11.76
N LYS B 410 7.76 -22.93 11.39
CA LYS B 410 8.31 -22.55 10.09
C LYS B 410 9.80 -22.80 10.01
N TYR B 411 10.52 -22.56 11.11
CA TYR B 411 11.97 -22.71 11.09
C TYR B 411 12.39 -24.16 10.97
N THR B 412 11.72 -25.05 11.69
CA THR B 412 12.19 -26.44 11.75
C THR B 412 12.12 -27.16 10.40
N LYS B 413 11.29 -26.68 9.46
CA LYS B 413 11.29 -27.27 8.13
C LYS B 413 12.67 -27.15 7.45
N PHE B 414 13.41 -26.07 7.72
CA PHE B 414 14.65 -25.82 7.03
C PHE B 414 15.89 -25.91 7.91
N GLY B 415 15.74 -25.87 9.25
CA GLY B 415 16.87 -25.76 10.16
C GLY B 415 17.57 -27.09 10.44
N ASN B 416 18.70 -27.00 11.15
CA ASN B 416 19.53 -28.14 11.52
C ASN B 416 19.39 -28.50 13.00
N GLY B 417 18.23 -28.23 13.59
CA GLY B 417 17.98 -28.67 14.96
C GLY B 417 17.28 -27.68 15.86
N THR B 418 16.17 -28.10 16.49
CA THR B 418 15.33 -27.26 17.32
C THR B 418 15.07 -27.91 18.67
N TYR B 419 15.29 -27.16 19.75
CA TYR B 419 14.98 -27.58 21.11
C TYR B 419 14.02 -26.58 21.76
N LEU B 420 12.89 -27.09 22.26
CA LEU B 420 11.76 -26.29 22.72
C LEU B 420 11.52 -26.53 24.20
N TYR B 421 11.31 -25.46 24.96
CA TYR B 421 11.10 -25.57 26.40
C TYR B 421 9.88 -24.77 26.86
N PHE B 422 9.37 -25.18 28.01
CA PHE B 422 8.27 -24.50 28.68
C PHE B 422 8.72 -24.29 30.11
N PHE B 423 8.98 -23.04 30.47
CA PHE B 423 9.44 -22.69 31.81
C PHE B 423 8.22 -22.35 32.66
N ASN B 424 7.98 -23.13 33.71
CA ASN B 424 6.81 -22.94 34.57
C ASN B 424 7.17 -23.13 36.04
N HIS B 425 8.31 -22.61 36.46
CA HIS B 425 8.64 -22.61 37.88
C HIS B 425 8.33 -21.23 38.46
N ARG B 426 7.70 -21.23 39.64
CA ARG B 426 7.52 -20.01 40.40
C ARG B 426 8.60 -19.97 41.49
N ALA B 427 9.43 -18.94 41.46
CA ALA B 427 10.51 -18.83 42.44
C ALA B 427 9.92 -18.70 43.84
N SER B 428 10.53 -19.39 44.81
CA SER B 428 10.03 -19.37 46.18
C SER B 428 10.21 -18.03 46.87
N ASN B 429 10.94 -17.09 46.25
CA ASN B 429 11.22 -15.79 46.84
C ASN B 429 10.64 -14.64 46.02
N LEU B 430 9.62 -14.91 45.20
CA LEU B 430 9.08 -13.89 44.32
C LEU B 430 8.38 -12.80 45.13
N VAL B 431 8.57 -11.55 44.71
CA VAL B 431 8.00 -10.40 45.40
C VAL B 431 6.63 -10.04 44.86
N TRP B 432 6.21 -10.64 43.77
CA TRP B 432 4.94 -10.38 43.13
C TRP B 432 3.84 -11.26 43.73
N PRO B 433 2.58 -10.89 43.56
CA PRO B 433 1.49 -11.75 44.05
C PRO B 433 1.39 -13.05 43.27
N GLU B 434 0.79 -14.03 43.93
CA GLU B 434 0.83 -15.39 43.41
C GLU B 434 0.00 -15.55 42.14
N TRP B 435 -1.05 -14.74 41.96
CA TRP B 435 -1.87 -14.87 40.75
C TRP B 435 -1.09 -14.58 39.49
N MET B 436 0.04 -13.91 39.59
CA MET B 436 0.81 -13.55 38.40
C MET B 436 1.62 -14.72 37.85
N GLY B 437 1.80 -15.78 38.63
CA GLY B 437 2.34 -17.01 38.09
C GLY B 437 3.82 -16.91 37.77
N VAL B 438 4.19 -17.41 36.59
CA VAL B 438 5.57 -17.38 36.12
C VAL B 438 5.66 -16.22 35.14
N ILE B 439 6.26 -15.12 35.59
CA ILE B 439 6.11 -13.84 34.91
C ILE B 439 7.12 -13.72 33.78
N HIS B 440 6.72 -12.97 32.76
CA HIS B 440 7.60 -12.56 31.67
C HIS B 440 8.93 -12.05 32.19
N GLY B 441 10.01 -12.78 31.93
CA GLY B 441 11.33 -12.32 32.33
C GLY B 441 11.91 -12.96 33.56
N TYR B 442 11.17 -13.80 34.27
CA TYR B 442 11.64 -14.34 35.53
C TYR B 442 12.31 -15.72 35.41
N GLU B 443 12.54 -16.21 34.18
CA GLU B 443 13.51 -17.29 33.98
C GLU B 443 14.93 -16.74 33.82
N ILE B 444 15.06 -15.43 33.54
CA ILE B 444 16.37 -14.82 33.36
C ILE B 444 17.25 -15.03 34.59
N GLU B 445 16.67 -14.93 35.79
CA GLU B 445 17.49 -15.14 36.98
C GLU B 445 17.99 -16.57 37.12
N PHE B 446 17.32 -17.53 36.50
CA PHE B 446 17.82 -18.90 36.55
C PHE B 446 18.89 -19.11 35.49
N VAL B 447 18.69 -18.55 34.29
CA VAL B 447 19.67 -18.62 33.21
C VAL B 447 21.03 -18.10 33.67
N PHE B 448 21.03 -17.01 34.44
CA PHE B 448 22.27 -16.33 34.82
C PHE B 448 22.83 -16.80 36.16
N GLY B 449 22.29 -17.86 36.75
CA GLY B 449 22.91 -18.49 37.90
C GLY B 449 22.65 -17.85 39.23
N LEU B 450 21.73 -16.89 39.31
CA LEU B 450 21.46 -16.21 40.58
C LEU B 450 21.11 -17.15 41.72
N PRO B 451 20.30 -18.22 41.54
CA PRO B 451 20.01 -19.11 42.68
C PRO B 451 21.24 -19.73 43.31
N LEU B 452 22.41 -19.59 42.69
CA LEU B 452 23.64 -20.12 43.27
C LEU B 452 24.19 -19.25 44.38
N VAL B 453 23.65 -18.05 44.57
CA VAL B 453 24.08 -17.16 45.65
C VAL B 453 23.22 -17.46 46.87
N LYS B 454 23.87 -17.86 47.97
CA LYS B 454 23.11 -18.21 49.18
C LYS B 454 22.35 -17.00 49.71
N GLU B 455 22.92 -15.80 49.59
CA GLU B 455 22.34 -14.59 50.15
C GLU B 455 20.97 -14.25 49.56
N LEU B 456 20.64 -14.80 48.38
CA LEU B 456 19.36 -14.51 47.74
C LEU B 456 18.27 -15.50 48.15
N ASN B 457 18.54 -16.34 49.15
CA ASN B 457 17.61 -17.32 49.73
C ASN B 457 16.66 -17.97 48.70
N TYR B 458 17.26 -18.62 47.70
CA TYR B 458 16.52 -19.61 46.92
C TYR B 458 16.64 -20.96 47.63
N THR B 459 15.77 -21.89 47.25
CA THR B 459 15.85 -23.22 47.83
C THR B 459 16.87 -24.05 47.06
N ALA B 460 17.37 -25.12 47.72
CA ALA B 460 18.40 -25.95 47.11
C ALA B 460 17.91 -26.63 45.84
N GLU B 461 16.59 -26.84 45.73
CA GLU B 461 16.02 -27.41 44.50
C GLU B 461 16.06 -26.41 43.35
N GLU B 462 16.00 -25.11 43.65
CA GLU B 462 16.12 -24.10 42.61
C GLU B 462 17.57 -23.87 42.20
N GLU B 463 18.51 -23.96 43.14
CA GLU B 463 19.92 -23.92 42.76
C GLU B 463 20.24 -25.06 41.80
N ALA B 464 19.66 -26.24 42.06
CA ALA B 464 19.85 -27.36 41.13
C ALA B 464 19.23 -27.06 39.77
N LEU B 465 18.05 -26.42 39.76
CA LEU B 465 17.40 -26.08 38.49
C LEU B 465 18.21 -25.05 37.71
N SER B 466 18.82 -24.07 38.39
CA SER B 466 19.65 -23.08 37.69
C SER B 466 20.93 -23.71 37.13
N ARG B 467 21.47 -24.72 37.80
CA ARG B 467 22.63 -25.41 37.27
C ARG B 467 22.27 -26.23 36.03
N ARG B 468 21.10 -26.89 36.05
CA ARG B 468 20.63 -27.60 34.87
CA ARG B 468 20.66 -27.60 34.86
C ARG B 468 20.45 -26.64 33.70
N ILE B 469 19.89 -25.47 33.97
CA ILE B 469 19.59 -24.54 32.88
C ILE B 469 20.87 -23.98 32.27
N MET B 470 21.76 -23.45 33.11
CA MET B 470 23.05 -22.96 32.64
C MET B 470 23.77 -24.01 31.80
N HIS B 471 23.74 -25.27 32.24
CA HIS B 471 24.39 -26.33 31.48
C HIS B 471 23.70 -26.59 30.14
N TYR B 472 22.37 -26.81 30.15
CA TYR B 472 21.65 -26.93 28.87
C TYR B 472 22.01 -25.78 27.94
N TRP B 473 22.03 -24.57 28.48
CA TRP B 473 22.32 -23.38 27.68
C TRP B 473 23.75 -23.42 27.14
N ALA B 474 24.72 -23.71 28.03
CA ALA B 474 26.12 -23.65 27.64
C ALA B 474 26.51 -24.83 26.75
N THR B 475 26.09 -26.05 27.13
CA THR B 475 26.31 -27.21 26.27
C THR B 475 25.71 -26.99 24.90
N PHE B 476 24.49 -26.45 24.83
CA PHE B 476 23.92 -26.13 23.53
C PHE B 476 24.79 -25.12 22.79
N ALA B 477 25.29 -24.11 23.51
CA ALA B 477 26.17 -23.12 22.89
C ALA B 477 27.45 -23.74 22.32
N LYS B 478 27.95 -24.81 22.96
CA LYS B 478 29.22 -25.42 22.54
C LYS B 478 29.00 -26.41 21.39
N THR B 479 28.00 -27.27 21.52
CA THR B 479 27.83 -28.39 20.61
C THR B 479 26.63 -28.30 19.68
N GLY B 480 25.73 -27.34 19.89
CA GLY B 480 24.49 -27.34 19.13
C GLY B 480 23.41 -28.29 19.66
N ASN B 481 23.65 -28.92 20.82
CA ASN B 481 22.71 -29.84 21.44
C ASN B 481 22.86 -29.70 22.97
N PRO B 482 21.75 -29.43 23.68
CA PRO B 482 21.87 -29.14 25.12
C PRO B 482 22.16 -30.37 25.95
N ASN B 483 21.87 -31.55 25.45
CA ASN B 483 22.26 -32.78 26.12
C ASN B 483 23.74 -33.04 25.90
N GLU B 484 24.41 -33.57 26.95
CA GLU B 484 25.67 -34.29 26.87
C GLU B 484 25.23 -35.75 26.68
N PRO B 485 25.37 -36.36 25.50
CA PRO B 485 25.41 -37.82 25.48
C PRO B 485 26.67 -38.41 26.17
N HIS B 486 26.54 -39.70 26.48
CA HIS B 486 27.30 -40.44 27.50
C HIS B 486 26.62 -40.29 28.85
N SER B 487 25.82 -39.25 29.04
CA SER B 487 25.17 -39.04 30.31
C SER B 487 24.04 -40.04 30.53
N GLN B 488 23.69 -40.23 31.80
CA GLN B 488 22.53 -41.02 32.17
C GLN B 488 21.33 -40.16 32.55
N GLU B 489 21.53 -38.86 32.73
CA GLU B 489 20.43 -37.95 33.00
C GLU B 489 19.44 -37.96 31.82
N SER B 490 18.21 -37.56 32.13
CA SER B 490 17.15 -37.55 31.13
C SER B 490 17.54 -36.69 29.93
N LYS B 491 17.19 -37.14 28.74
CA LYS B 491 17.54 -36.48 27.50
C LYS B 491 16.39 -35.60 27.02
N TRP B 492 16.71 -34.35 26.66
CA TRP B 492 15.79 -33.37 26.10
C TRP B 492 15.68 -33.64 24.60
N PRO B 493 14.53 -34.12 24.14
CA PRO B 493 14.41 -34.53 22.74
C PRO B 493 14.27 -33.35 21.78
N LEU B 494 14.68 -33.60 20.54
CA LEU B 494 14.52 -32.62 19.48
C LEU B 494 13.05 -32.33 19.22
N PHE B 495 12.76 -31.08 18.92
CA PHE B 495 11.46 -30.73 18.34
C PHE B 495 11.51 -31.04 16.85
N THR B 496 10.60 -31.89 16.38
CA THR B 496 10.55 -32.24 14.96
C THR B 496 9.21 -31.85 14.38
N THR B 497 9.18 -31.72 13.04
CA THR B 497 7.94 -31.33 12.35
C THR B 497 6.80 -32.30 12.62
N LYS B 498 7.10 -33.57 12.88
CA LYS B 498 6.03 -34.56 13.03
C LYS B 498 5.52 -34.70 14.47
N GLU B 499 6.41 -34.89 15.44
CA GLU B 499 6.00 -35.14 16.82
C GLU B 499 5.99 -33.88 17.68
N GLN B 500 6.77 -32.86 17.32
CA GLN B 500 6.64 -31.53 17.91
C GLN B 500 6.85 -31.54 19.41
N LYS B 501 7.84 -32.30 19.88
CA LYS B 501 8.00 -32.50 21.32
C LYS B 501 8.73 -31.33 21.96
N PHE B 502 8.44 -31.10 23.24
CA PHE B 502 9.13 -30.11 24.06
C PHE B 502 9.18 -30.63 25.48
N ILE B 503 9.96 -29.96 26.34
CA ILE B 503 10.09 -30.37 27.72
C ILE B 503 9.71 -29.22 28.66
N ASP B 504 9.57 -29.57 29.94
CA ASP B 504 9.29 -28.64 31.03
C ASP B 504 10.58 -28.30 31.78
N LEU B 505 10.72 -27.04 32.16
CA LEU B 505 11.83 -26.60 33.00
C LEU B 505 11.27 -26.23 34.37
N ASN B 506 11.52 -27.07 35.36
CA ASN B 506 11.13 -26.82 36.75
C ASN B 506 11.89 -27.79 37.64
N THR B 507 11.45 -27.93 38.89
CA THR B 507 12.16 -28.73 39.87
C THR B 507 11.73 -30.20 39.87
N GLU B 508 10.60 -30.52 39.24
CA GLU B 508 10.17 -31.90 39.07
C GLU B 508 11.05 -32.58 38.03
N PRO B 509 11.11 -33.92 38.05
CA PRO B 509 11.78 -34.65 36.96
C PRO B 509 11.18 -34.31 35.60
N MET B 510 11.98 -34.53 34.56
CA MET B 510 11.65 -34.03 33.24
C MET B 510 10.42 -34.72 32.68
N LYS B 511 9.52 -33.93 32.09
CA LYS B 511 8.35 -34.43 31.38
C LYS B 511 8.44 -33.99 29.92
N VAL B 512 8.07 -34.89 29.00
CA VAL B 512 8.06 -34.60 27.58
C VAL B 512 6.60 -34.50 27.13
N HIS B 513 6.22 -33.34 26.61
CA HIS B 513 4.90 -33.10 26.04
C HIS B 513 5.01 -32.95 24.53
N GLN B 514 3.87 -32.76 23.89
CA GLN B 514 3.80 -32.50 22.45
C GLN B 514 2.84 -31.35 22.20
N ARG B 515 3.01 -30.72 21.04
CA ARG B 515 2.15 -29.65 20.52
C ARG B 515 1.84 -28.59 21.56
N LEU B 516 2.81 -27.73 21.84
CA LEU B 516 2.67 -26.72 22.89
C LEU B 516 1.52 -25.77 22.57
N ARG B 517 0.50 -25.77 23.44
CA ARG B 517 -0.68 -24.89 23.36
C ARG B 517 -1.25 -24.83 21.94
N VAL B 518 -1.51 -26.01 21.39
CA VAL B 518 -1.83 -26.08 19.97
C VAL B 518 -3.25 -25.61 19.71
N GLN B 519 -4.18 -25.92 20.62
CA GLN B 519 -5.57 -25.55 20.40
C GLN B 519 -5.73 -24.04 20.26
N MET B 520 -5.12 -23.27 21.17
CA MET B 520 -5.26 -21.82 21.09
C MET B 520 -4.37 -21.21 20.03
N CYS B 521 -3.29 -21.86 19.64
CA CYS B 521 -2.41 -21.25 18.65
C CYS B 521 -2.91 -21.46 17.24
N VAL B 522 -3.71 -22.51 17.01
CA VAL B 522 -4.43 -22.64 15.75
C VAL B 522 -5.40 -21.48 15.57
N PHE B 523 -6.00 -21.02 16.66
CA PHE B 523 -6.86 -19.84 16.61
C PHE B 523 -6.06 -18.58 16.30
N TRP B 524 -4.96 -18.36 17.02
CA TRP B 524 -4.22 -17.10 16.87
C TRP B 524 -3.47 -17.05 15.55
N ASN B 525 -2.96 -18.18 15.08
CA ASN B 525 -2.02 -18.20 13.96
C ASN B 525 -2.66 -18.53 12.62
N GLN B 526 -3.91 -19.02 12.58
CA GLN B 526 -4.55 -19.29 11.29
C GLN B 526 -5.99 -18.81 11.20
N PHE B 527 -6.81 -19.05 12.21
CA PHE B 527 -8.22 -18.65 12.06
C PHE B 527 -8.40 -17.15 12.18
N LEU B 528 -7.95 -16.55 13.28
CA LEU B 528 -8.16 -15.12 13.48
C LEU B 528 -7.52 -14.26 12.39
N PRO B 529 -6.29 -14.52 11.93
CA PRO B 529 -5.73 -13.71 10.83
C PRO B 529 -6.58 -13.73 9.57
N LYS B 530 -7.21 -14.85 9.26
CA LYS B 530 -8.07 -14.93 8.10
C LYS B 530 -9.47 -14.38 8.37
N LEU B 531 -9.91 -14.38 9.64
CA LEU B 531 -11.13 -13.64 9.98
C LEU B 531 -10.96 -12.16 9.70
N LEU B 532 -9.79 -11.60 10.06
CA LEU B 532 -9.56 -10.17 9.86
C LEU B 532 -9.20 -9.85 8.41
N ASN B 533 -8.55 -10.77 7.70
CA ASN B 533 -8.29 -10.58 6.28
C ASN B 533 -9.59 -10.39 5.50
N ALA B 534 -10.65 -11.10 5.91
CA ALA B 534 -11.93 -11.10 5.18
C ALA B 534 -12.73 -9.83 5.44
N THR B 535 -12.85 -9.44 6.70
CA THR B 535 -13.62 -8.26 7.10
C THR B 535 -12.73 -7.01 7.08
#